data_7JXM
#
_entry.id   7JXM
#
_cell.length_a   72.548
_cell.length_b   103.224
_cell.length_c   87.043
_cell.angle_alpha   90.000
_cell.angle_beta   101.550
_cell.angle_gamma   90.000
#
_symmetry.space_group_name_H-M   'P 1 21 1'
#
loop_
_entity.id
_entity.type
_entity.pdbx_description
1 polymer 'Epidermal growth factor receptor'
2 non-polymer 'PHOSPHOAMINOPHOSPHONIC ACID-ADENYLATE ESTER'
3 non-polymer 'MAGNESIUM ION'
4 non-polymer (2R)-2-(5-fluoro-2-hydroxyphenyl)-2-(1-oxo-1,3-dihydro-2H-isoindol-2-yl)-N-(1,3-thiazol-2-yl)acetamide
5 non-polymer N-(2-{[2-(dimethylamino)ethyl](methyl)amino}-4-methoxy-5-{[4-(1-methyl-1H-indol-3-yl)pyrimidin-2-yl]amino}phenyl)prop-2-enamide
6 water water
#
_entity_poly.entity_id   1
_entity_poly.type   'polypeptide(L)'
_entity_poly.pdbx_seq_one_letter_code
;GSTSGEAPNQALLRILKETEFKKIKVLGSGAFGTVYKGLWIPEGEKVKIPVAIKELREATSPKANKEILDEAYVMASVDN
PHVCRLLGICLTSTVQLIMQLMPFGCLLDYVREHKDNIGSQYLLNWCVQIAKGMNYLEDRRLVHRDLAARNVLVKTPQHV
KITDFGLAKLLGAEEKEYHAEGGKVPIKWMALESILHRIYTHQSDVWSYGVTVWELMTFGSKPYDGIPASEISSILEKGE
RLPQPPICTIDVYMIMRKCWMIDADSRPKFRELIIEFSKMARDPQRYLVIQGDERMHLPSPTDSNFYRALMDEEDMDDVV
DADEYLIPQQG
;
_entity_poly.pdbx_strand_id   D,A,C,B
#
loop_
_chem_comp.id
_chem_comp.type
_chem_comp.name
_chem_comp.formula
9LL non-polymer (2R)-2-(5-fluoro-2-hydroxyphenyl)-2-(1-oxo-1,3-dihydro-2H-isoindol-2-yl)-N-(1,3-thiazol-2-yl)acetamide 'C19 H14 F N3 O3 S'
ANP non-polymer 'PHOSPHOAMINOPHOSPHONIC ACID-ADENYLATE ESTER' 'C10 H17 N6 O12 P3'
MG non-polymer 'MAGNESIUM ION' 'Mg 2'
YY3 non-polymer N-(2-{[2-(dimethylamino)ethyl](methyl)amino}-4-methoxy-5-{[4-(1-methyl-1H-indol-3-yl)pyrimidin-2-yl]amino}phenyl)prop-2-enamide 'C28 H33 N7 O2'
#
# COMPACT_ATOMS: atom_id res chain seq x y z
N ASN A 9 -24.56 4.52 41.58
CA ASN A 9 -23.25 4.07 41.11
C ASN A 9 -23.34 2.60 40.67
N GLN A 10 -23.10 1.66 41.60
CA GLN A 10 -23.24 0.25 41.23
C GLN A 10 -24.69 -0.15 40.97
N ALA A 11 -25.65 0.72 41.30
CA ALA A 11 -27.03 0.51 40.90
C ALA A 11 -27.22 0.71 39.40
N LEU A 12 -26.19 1.14 38.70
CA LEU A 12 -26.30 1.27 37.27
C LEU A 12 -25.98 -0.04 36.55
N LEU A 13 -25.40 -1.02 37.24
CA LEU A 13 -25.05 -2.32 36.67
C LEU A 13 -25.95 -3.38 37.28
N ARG A 14 -26.75 -4.03 36.47
CA ARG A 14 -27.63 -5.09 36.93
C ARG A 14 -26.95 -6.45 36.78
N ILE A 15 -26.95 -7.22 37.86
CA ILE A 15 -26.45 -8.59 37.85
C ILE A 15 -27.57 -9.49 37.38
N LEU A 16 -27.36 -10.16 36.26
CA LEU A 16 -28.37 -11.01 35.65
C LEU A 16 -28.18 -12.48 36.03
N LYS A 17 -29.29 -13.21 36.05
CA LYS A 17 -29.25 -14.66 36.18
C LYS A 17 -29.21 -15.29 34.80
N GLU A 18 -28.60 -16.49 34.73
CA GLU A 18 -28.62 -17.27 33.50
C GLU A 18 -30.03 -17.41 32.96
N THR A 19 -30.98 -17.67 33.86
CA THR A 19 -32.31 -18.05 33.43
C THR A 19 -33.13 -16.90 32.86
N GLU A 20 -32.66 -15.67 32.92
CA GLU A 20 -33.52 -14.57 32.50
C GLU A 20 -33.10 -13.98 31.17
N PHE A 21 -32.23 -14.64 30.42
CA PHE A 21 -31.92 -14.17 29.08
C PHE A 21 -31.43 -15.31 28.22
N LYS A 22 -31.62 -15.19 26.91
CA LYS A 22 -31.27 -16.23 25.95
C LYS A 22 -30.61 -15.60 24.72
N LYS A 23 -29.52 -16.21 24.25
CA LYS A 23 -28.90 -15.84 22.97
C LYS A 23 -29.67 -16.47 21.82
N ILE A 24 -29.94 -15.70 20.77
CA ILE A 24 -30.75 -16.19 19.66
C ILE A 24 -30.06 -16.09 18.31
N LYS A 25 -29.06 -15.23 18.14
CA LYS A 25 -28.42 -15.09 16.84
C LYS A 25 -27.02 -14.53 17.00
N VAL A 26 -26.05 -15.13 16.28
CA VAL A 26 -24.68 -14.61 16.30
C VAL A 26 -24.64 -13.37 15.42
N LEU A 27 -24.15 -12.27 15.96
CA LEU A 27 -24.01 -11.03 15.21
C LEU A 27 -22.60 -10.78 14.73
N GLY A 28 -21.63 -11.40 15.36
CA GLY A 28 -20.26 -11.12 14.99
C GLY A 28 -19.37 -11.39 16.18
N SER A 29 -18.07 -11.29 15.92
CA SER A 29 -17.08 -11.58 16.93
C SER A 29 -15.96 -10.57 16.84
N GLY A 30 -15.29 -10.36 17.97
CA GLY A 30 -14.21 -9.41 18.07
C GLY A 30 -12.99 -10.04 18.74
N ALA A 31 -12.09 -9.23 19.30
CA ALA A 31 -10.88 -9.74 19.94
C ALA A 31 -11.13 -10.30 21.35
N PHE A 32 -12.22 -9.95 22.00
CA PHE A 32 -12.42 -10.44 23.36
C PHE A 32 -13.68 -11.27 23.53
N GLY A 33 -14.53 -11.32 22.52
CA GLY A 33 -15.72 -12.15 22.67
C GLY A 33 -16.55 -12.15 21.42
N THR A 34 -17.68 -12.86 21.53
CA THR A 34 -18.68 -12.99 20.49
C THR A 34 -19.92 -12.27 20.95
N VAL A 35 -20.51 -11.47 20.06
CA VAL A 35 -21.70 -10.71 20.34
C VAL A 35 -22.89 -11.43 19.73
N TYR A 36 -23.95 -11.57 20.53
CA TYR A 36 -25.18 -12.22 20.11
C TYR A 36 -26.32 -11.22 20.21
N LYS A 37 -27.27 -11.32 19.30
CA LYS A 37 -28.60 -10.80 19.54
C LYS A 37 -29.29 -11.75 20.52
N GLY A 38 -29.87 -11.22 21.60
CA GLY A 38 -30.46 -12.03 22.64
C GLY A 38 -31.83 -11.52 23.07
N LEU A 39 -32.39 -12.21 24.06
CA LEU A 39 -33.69 -11.79 24.59
C LEU A 39 -33.66 -11.80 26.09
N TRP A 40 -34.10 -10.69 26.69
CA TRP A 40 -34.26 -10.62 28.13
C TRP A 40 -35.69 -10.94 28.50
N ILE A 41 -35.86 -11.84 29.47
CA ILE A 41 -37.16 -12.28 29.99
C ILE A 41 -37.26 -11.84 31.45
N PRO A 42 -37.91 -10.72 31.74
CA PRO A 42 -38.06 -10.32 33.16
C PRO A 42 -38.69 -11.45 33.96
N GLU A 43 -38.20 -11.64 35.18
CA GLU A 43 -38.73 -12.65 36.07
C GLU A 43 -40.24 -12.50 36.17
N GLY A 44 -40.95 -13.61 35.99
CA GLY A 44 -42.39 -13.54 36.18
C GLY A 44 -43.14 -12.79 35.09
N GLU A 45 -42.48 -12.40 34.02
CA GLU A 45 -43.17 -11.72 32.92
C GLU A 45 -43.18 -12.59 31.68
N LYS A 46 -43.94 -12.14 30.69
CA LYS A 46 -44.10 -12.91 29.45
C LYS A 46 -43.43 -12.25 28.26
N VAL A 47 -42.80 -11.13 28.42
CA VAL A 47 -42.23 -10.45 27.27
C VAL A 47 -40.79 -10.91 27.06
N LYS A 48 -40.31 -10.76 25.84
CA LYS A 48 -38.93 -11.06 25.49
C LYS A 48 -38.38 -9.83 24.81
N ILE A 49 -37.45 -9.17 25.48
CA ILE A 49 -36.94 -7.85 25.09
C ILE A 49 -35.58 -8.05 24.42
N PRO A 50 -35.40 -7.62 23.18
CA PRO A 50 -34.12 -7.86 22.50
C PRO A 50 -32.99 -7.11 23.16
N VAL A 51 -31.88 -7.81 23.38
CA VAL A 51 -30.65 -7.22 23.91
C VAL A 51 -29.50 -7.62 23.00
N ALA A 52 -28.34 -7.02 23.27
CA ALA A 52 -27.08 -7.50 22.71
C ALA A 52 -26.23 -8.05 23.84
N ILE A 53 -25.71 -9.25 23.65
CA ILE A 53 -24.90 -9.94 24.64
C ILE A 53 -23.52 -10.16 24.05
N LYS A 54 -22.50 -9.81 24.83
CA LYS A 54 -21.13 -10.20 24.51
C LYS A 54 -20.72 -11.25 25.52
N GLU A 55 -20.44 -12.45 25.04
CA GLU A 55 -19.89 -13.50 25.87
C GLU A 55 -18.38 -13.51 25.65
N LEU A 56 -17.61 -13.40 26.72
CA LEU A 56 -16.17 -13.33 26.52
C LEU A 56 -15.69 -14.69 26.03
N ARG A 57 -14.54 -14.69 25.34
CA ARG A 57 -14.08 -15.92 24.70
C ARG A 57 -13.41 -16.84 25.70
N GLU A 58 -12.60 -16.27 26.60
CA GLU A 58 -11.84 -17.03 27.57
C GLU A 58 -12.57 -17.00 28.91
N ALA A 59 -12.85 -18.17 29.46
CA ALA A 59 -13.50 -18.30 30.75
C ALA A 59 -12.59 -17.76 31.85
N THR A 60 -13.19 -17.23 32.91
CA THR A 60 -12.46 -16.62 34.00
C THR A 60 -12.84 -17.25 35.34
N SER A 61 -12.09 -16.88 36.37
CA SER A 61 -12.18 -17.32 37.75
C SER A 61 -12.86 -16.27 38.64
N PRO A 62 -13.30 -16.68 39.83
CA PRO A 62 -13.95 -15.71 40.72
C PRO A 62 -13.07 -14.50 41.01
N LYS A 63 -11.77 -14.72 41.14
CA LYS A 63 -10.84 -13.63 41.41
C LYS A 63 -10.72 -12.69 40.19
N ALA A 64 -10.58 -13.25 38.97
CA ALA A 64 -10.62 -12.43 37.77
C ALA A 64 -11.97 -11.76 37.56
N ASN A 65 -13.05 -12.32 38.11
CA ASN A 65 -14.36 -11.67 38.03
C ASN A 65 -14.37 -10.38 38.82
N LYS A 66 -13.59 -10.31 39.91
CA LYS A 66 -13.52 -9.08 40.68
C LYS A 66 -12.97 -7.95 39.81
N GLU A 67 -11.88 -8.20 39.07
CA GLU A 67 -11.42 -7.21 38.08
C GLU A 67 -12.52 -6.86 37.09
N ILE A 68 -13.14 -7.89 36.51
CA ILE A 68 -14.14 -7.67 35.47
C ILE A 68 -15.25 -6.77 35.99
N LEU A 69 -15.76 -7.07 37.19
CA LEU A 69 -16.85 -6.28 37.77
C LEU A 69 -16.44 -4.85 37.99
N ASP A 70 -15.23 -4.65 38.49
CA ASP A 70 -14.74 -3.30 38.75
C ASP A 70 -14.81 -2.47 37.49
N GLU A 71 -14.32 -3.01 36.37
CA GLU A 71 -14.43 -2.27 35.12
C GLU A 71 -15.90 -2.21 34.70
N ALA A 72 -16.68 -3.25 34.98
CA ALA A 72 -18.08 -3.24 34.58
C ALA A 72 -18.82 -2.09 35.24
N TYR A 73 -18.56 -1.81 36.51
CA TYR A 73 -19.27 -0.72 37.16
C TYR A 73 -18.95 0.62 36.51
N VAL A 74 -17.69 0.81 36.11
CA VAL A 74 -17.29 2.06 35.44
C VAL A 74 -18.02 2.22 34.11
N MET A 75 -18.01 1.18 33.27
CA MET A 75 -18.61 1.30 31.95
C MET A 75 -20.11 1.44 32.02
N ALA A 76 -20.70 0.97 33.11
CA ALA A 76 -22.12 1.18 33.38
C ALA A 76 -22.41 2.61 33.85
N SER A 77 -21.40 3.41 34.17
CA SER A 77 -21.61 4.69 34.82
C SER A 77 -21.57 5.88 33.86
N VAL A 78 -21.41 5.64 32.56
CA VAL A 78 -21.32 6.71 31.57
C VAL A 78 -22.71 7.19 31.15
N ASP A 79 -22.87 8.52 31.05
CA ASP A 79 -24.16 9.14 30.74
C ASP A 79 -23.93 10.21 29.68
N ASN A 80 -24.05 9.84 28.41
CA ASN A 80 -23.84 10.80 27.32
C ASN A 80 -24.54 10.27 26.08
N PRO A 81 -25.22 11.12 25.31
CA PRO A 81 -26.01 10.63 24.17
C PRO A 81 -25.20 9.93 23.09
N HIS A 82 -23.88 10.08 23.06
CA HIS A 82 -23.09 9.47 22.00
C HIS A 82 -22.09 8.48 22.58
N VAL A 83 -22.40 7.91 23.75
CA VAL A 83 -21.59 6.91 24.41
C VAL A 83 -22.53 5.81 24.88
N CYS A 84 -22.23 4.58 24.48
CA CYS A 84 -23.01 3.43 24.95
C CYS A 84 -22.67 3.11 26.40
N ARG A 85 -23.70 2.79 27.17
CA ARG A 85 -23.56 2.39 28.57
C ARG A 85 -23.67 0.87 28.66
N LEU A 86 -22.84 0.26 29.50
CA LEU A 86 -23.03 -1.16 29.80
C LEU A 86 -24.22 -1.31 30.73
N LEU A 87 -25.09 -2.27 30.46
CA LEU A 87 -26.34 -2.36 31.22
C LEU A 87 -26.33 -3.44 32.29
N GLY A 88 -25.87 -4.65 31.96
CA GLY A 88 -25.88 -5.75 32.89
C GLY A 88 -24.72 -6.70 32.65
N ILE A 89 -24.56 -7.65 33.58
CA ILE A 89 -23.48 -8.62 33.49
C ILE A 89 -23.98 -9.92 34.11
N CYS A 90 -23.54 -11.03 33.53
CA CYS A 90 -23.85 -12.35 34.05
C CYS A 90 -22.52 -13.06 34.25
N LEU A 91 -22.29 -13.50 35.48
CA LEU A 91 -21.01 -14.09 35.85
C LEU A 91 -21.09 -15.61 35.72
N THR A 92 -21.36 -16.04 34.49
CA THR A 92 -21.19 -17.44 34.13
C THR A 92 -19.70 -17.73 33.99
N SER A 93 -19.38 -19.00 33.70
CA SER A 93 -17.99 -19.42 33.50
C SER A 93 -17.34 -18.51 32.49
N THR A 94 -17.98 -18.35 31.34
CA THR A 94 -17.66 -17.27 30.44
C THR A 94 -18.62 -16.15 30.79
N VAL A 95 -18.08 -14.97 31.10
CA VAL A 95 -18.89 -13.86 31.56
C VAL A 95 -19.67 -13.27 30.39
N GLN A 96 -20.92 -12.93 30.63
CA GLN A 96 -21.79 -12.37 29.59
C GLN A 96 -22.20 -10.95 29.95
N LEU A 97 -22.05 -10.04 28.99
CA LEU A 97 -22.30 -8.61 29.15
C LEU A 97 -23.46 -8.17 28.29
N ILE A 98 -24.36 -7.38 28.86
CA ILE A 98 -25.62 -7.05 28.22
C ILE A 98 -25.69 -5.55 28.03
N MET A 99 -26.01 -5.12 26.82
CA MET A 99 -26.21 -3.73 26.51
C MET A 99 -27.38 -3.66 25.54
N GLN A 100 -27.78 -2.45 25.22
CA GLN A 100 -28.86 -2.23 24.27
C GLN A 100 -28.49 -2.74 22.88
N LEU A 101 -29.47 -3.31 22.18
CA LEU A 101 -29.29 -3.84 20.84
C LEU A 101 -29.52 -2.73 19.83
N MET A 102 -28.52 -2.50 18.96
CA MET A 102 -28.59 -1.49 17.91
C MET A 102 -28.88 -2.20 16.60
N PRO A 103 -30.13 -2.30 16.17
CA PRO A 103 -30.45 -3.11 14.98
C PRO A 103 -29.82 -2.60 13.69
N PHE A 104 -29.41 -1.34 13.64
CA PHE A 104 -28.67 -0.87 12.48
C PHE A 104 -27.21 -1.36 12.49
N GLY A 105 -26.70 -1.83 13.63
CA GLY A 105 -25.34 -2.35 13.66
C GLY A 105 -24.28 -1.28 13.83
N CYS A 106 -23.07 -1.61 13.40
CA CYS A 106 -21.94 -0.70 13.55
C CYS A 106 -21.83 0.22 12.34
N LEU A 107 -21.18 1.36 12.54
CA LEU A 107 -21.13 2.35 11.46
C LEU A 107 -20.24 1.87 10.31
N LEU A 108 -19.26 1.02 10.60
CA LEU A 108 -18.43 0.47 9.54
C LEU A 108 -19.29 -0.27 8.53
N ASP A 109 -20.17 -1.15 9.00
CA ASP A 109 -21.04 -1.88 8.09
C ASP A 109 -22.06 -0.95 7.44
N TYR A 110 -22.60 0.00 8.20
CA TYR A 110 -23.60 0.88 7.63
C TYR A 110 -23.02 1.67 6.46
N VAL A 111 -21.82 2.22 6.62
CA VAL A 111 -21.24 3.01 5.54
C VAL A 111 -20.89 2.14 4.34
N ARG A 112 -20.47 0.89 4.57
CA ARG A 112 -20.20 0.01 3.44
C ARG A 112 -21.50 -0.30 2.66
N GLU A 113 -22.59 -0.54 3.38
CA GLU A 113 -23.82 -0.95 2.72
C GLU A 113 -24.50 0.22 2.00
N HIS A 114 -24.31 1.45 2.48
CA HIS A 114 -24.91 2.63 1.85
C HIS A 114 -23.88 3.49 1.11
N LYS A 115 -22.79 2.90 0.61
CA LYS A 115 -21.72 3.77 0.10
C LYS A 115 -22.13 4.57 -1.13
N ASP A 116 -23.27 4.27 -1.72
CA ASP A 116 -23.88 5.07 -2.79
C ASP A 116 -25.04 5.92 -2.27
N ASN A 117 -25.42 5.79 -1.00
CA ASN A 117 -26.56 6.50 -0.46
C ASN A 117 -26.21 7.57 0.58
N ILE A 118 -24.93 7.81 0.88
CA ILE A 118 -24.56 8.67 2.00
C ILE A 118 -24.15 10.05 1.50
N GLY A 119 -24.82 11.10 2.00
CA GLY A 119 -24.50 12.47 1.67
C GLY A 119 -23.57 13.13 2.70
N SER A 120 -23.09 14.34 2.35
CA SER A 120 -22.09 15.00 3.18
C SER A 120 -22.61 15.32 4.58
N GLN A 121 -23.90 15.63 4.71
CA GLN A 121 -24.42 16.03 6.00
C GLN A 121 -24.39 14.90 7.03
N TYR A 122 -24.63 13.66 6.58
CA TYR A 122 -24.54 12.52 7.49
C TYR A 122 -23.13 12.30 7.98
N LEU A 123 -22.17 12.25 7.05
CA LEU A 123 -20.79 11.95 7.40
C LEU A 123 -20.25 12.98 8.38
N LEU A 124 -20.43 14.27 8.07
CA LEU A 124 -19.91 15.30 8.95
C LEU A 124 -20.62 15.26 10.32
N ASN A 125 -21.92 14.97 10.34
CA ASN A 125 -22.54 14.88 11.65
C ASN A 125 -22.03 13.69 12.44
N TRP A 126 -21.74 12.57 11.78
CA TRP A 126 -21.14 11.44 12.50
C TRP A 126 -19.82 11.83 13.16
N CYS A 127 -18.98 12.56 12.43
CA CYS A 127 -17.70 12.94 13.00
C CYS A 127 -17.91 13.84 14.21
N VAL A 128 -18.86 14.77 14.11
CA VAL A 128 -19.16 15.61 15.27
C VAL A 128 -19.60 14.73 16.43
N GLN A 129 -20.55 13.84 16.17
CA GLN A 129 -21.10 13.06 17.27
C GLN A 129 -20.04 12.16 17.90
N ILE A 130 -19.16 11.58 17.07
CA ILE A 130 -18.11 10.73 17.63
C ILE A 130 -17.15 11.55 18.49
N ALA A 131 -16.86 12.78 18.05
CA ALA A 131 -15.98 13.65 18.82
C ALA A 131 -16.65 14.01 20.13
N LYS A 132 -17.95 14.32 20.09
CA LYS A 132 -18.70 14.58 21.32
C LYS A 132 -18.56 13.41 22.29
N GLY A 133 -18.76 12.18 21.81
CA GLY A 133 -18.66 11.04 22.71
C GLY A 133 -17.27 10.87 23.30
N MET A 134 -16.22 11.00 22.46
CA MET A 134 -14.86 10.88 22.95
C MET A 134 -14.52 12.02 23.90
N ASN A 135 -15.00 13.22 23.62
CA ASN A 135 -14.75 14.33 24.53
C ASN A 135 -15.29 14.01 25.93
N TYR A 136 -16.46 13.38 26.00
CA TYR A 136 -17.01 12.96 27.29
C TYR A 136 -16.12 11.92 27.96
N LEU A 137 -15.71 10.88 27.23
CA LEU A 137 -14.81 9.90 27.81
C LEU A 137 -13.56 10.58 28.34
N GLU A 138 -13.06 11.60 27.64
CA GLU A 138 -11.92 12.35 28.15
C GLU A 138 -12.26 13.05 29.44
N ASP A 139 -13.45 13.68 29.52
CA ASP A 139 -13.87 14.32 30.77
C ASP A 139 -13.90 13.30 31.90
N ARG A 140 -14.30 12.06 31.60
CA ARG A 140 -14.36 10.99 32.61
C ARG A 140 -13.00 10.36 32.84
N ARG A 141 -11.98 10.82 32.13
CA ARG A 141 -10.64 10.27 32.22
C ARG A 141 -10.67 8.77 31.90
N LEU A 142 -11.47 8.40 30.92
CA LEU A 142 -11.56 7.03 30.41
C LEU A 142 -10.91 7.03 29.04
N VAL A 143 -9.90 6.20 28.88
CA VAL A 143 -9.22 6.03 27.61
C VAL A 143 -9.93 4.92 26.88
N HIS A 144 -10.32 5.16 25.64
CA HIS A 144 -11.07 4.16 24.89
C HIS A 144 -10.20 2.93 24.61
N ARG A 145 -9.12 3.14 23.85
CA ARG A 145 -8.08 2.20 23.44
C ARG A 145 -8.44 1.38 22.20
N ASP A 146 -9.67 1.47 21.68
CA ASP A 146 -10.06 0.62 20.55
C ASP A 146 -11.08 1.34 19.70
N LEU A 147 -10.92 2.66 19.54
CA LEU A 147 -11.80 3.38 18.66
C LEU A 147 -11.55 2.97 17.21
N ALA A 148 -12.65 2.92 16.45
CA ALA A 148 -12.71 2.39 15.09
C ALA A 148 -14.18 2.45 14.66
N ALA A 149 -14.42 2.55 13.35
CA ALA A 149 -15.80 2.60 12.87
C ALA A 149 -16.58 1.37 13.29
N ARG A 150 -15.90 0.24 13.49
CA ARG A 150 -16.58 -0.98 13.93
C ARG A 150 -17.08 -0.85 15.35
N ASN A 151 -16.53 0.09 16.13
CA ASN A 151 -16.96 0.36 17.49
C ASN A 151 -17.71 1.69 17.60
N VAL A 152 -18.38 2.10 16.53
CA VAL A 152 -19.36 3.17 16.55
C VAL A 152 -20.67 2.53 16.12
N LEU A 153 -21.66 2.53 17.01
CA LEU A 153 -22.92 1.88 16.73
C LEU A 153 -23.93 2.89 16.21
N VAL A 154 -24.73 2.47 15.24
CA VAL A 154 -25.78 3.30 14.66
C VAL A 154 -27.06 3.04 15.44
N LYS A 155 -27.51 4.01 16.23
CA LYS A 155 -28.81 3.84 16.90
C LYS A 155 -29.96 4.14 15.95
N THR A 156 -29.93 5.30 15.31
CA THR A 156 -30.64 5.59 14.07
C THR A 156 -29.58 6.12 13.13
N PRO A 157 -29.86 6.19 11.83
CA PRO A 157 -28.88 6.81 10.93
C PRO A 157 -28.46 8.21 11.35
N GLN A 158 -29.31 8.93 12.09
CA GLN A 158 -29.04 10.29 12.56
C GLN A 158 -28.34 10.32 13.91
N HIS A 159 -28.07 9.17 14.52
CA HIS A 159 -27.60 9.14 15.91
C HIS A 159 -26.67 7.93 16.10
N VAL A 160 -25.37 8.19 16.29
CA VAL A 160 -24.38 7.13 16.48
C VAL A 160 -23.79 7.25 17.89
N LYS A 161 -23.29 6.12 18.41
CA LYS A 161 -22.79 6.06 19.77
C LYS A 161 -21.57 5.15 19.79
N ILE A 162 -20.57 5.55 20.60
CA ILE A 162 -19.29 4.86 20.75
C ILE A 162 -19.43 3.70 21.72
N THR A 163 -18.79 2.57 21.41
CA THR A 163 -18.88 1.40 22.27
C THR A 163 -17.49 0.79 22.46
N ASP A 164 -17.46 -0.17 23.39
CA ASP A 164 -16.29 -1.02 23.66
C ASP A 164 -15.07 -0.22 24.13
N PHE A 165 -15.30 0.88 24.81
CA PHE A 165 -14.24 1.70 25.40
C PHE A 165 -13.82 1.19 26.78
N GLY A 166 -12.57 1.55 27.13
CA GLY A 166 -11.98 1.35 28.44
C GLY A 166 -11.50 -0.05 28.77
N LEU A 167 -11.29 -0.91 27.77
CA LEU A 167 -10.88 -2.29 28.06
C LEU A 167 -9.36 -2.44 28.10
N VAL A 185 -4.48 -7.21 18.78
CA VAL A 185 -4.32 -5.76 18.81
C VAL A 185 -4.56 -5.11 17.42
N PRO A 186 -5.30 -4.01 17.45
CA PRO A 186 -5.69 -3.23 16.26
C PRO A 186 -4.55 -2.32 15.83
N ILE A 187 -3.45 -2.94 15.37
CA ILE A 187 -2.25 -2.15 15.07
C ILE A 187 -2.60 -0.98 14.15
N LYS A 188 -3.44 -1.22 13.14
CA LYS A 188 -3.62 -0.21 12.11
C LYS A 188 -4.49 0.97 12.53
N TRP A 189 -5.04 0.94 13.75
CA TRP A 189 -5.77 2.05 14.31
C TRP A 189 -4.98 2.75 15.41
N MET A 190 -3.89 2.15 15.86
CA MET A 190 -3.18 2.62 17.04
C MET A 190 -2.20 3.74 16.72
N ALA A 191 -2.04 4.64 17.67
CA ALA A 191 -0.97 5.62 17.60
C ALA A 191 0.38 4.93 17.66
N LEU A 192 1.38 5.57 17.06
CA LEU A 192 2.71 4.97 17.01
C LEU A 192 3.24 4.63 18.40
N GLU A 193 3.08 5.55 19.36
CA GLU A 193 3.57 5.28 20.70
C GLU A 193 2.82 4.11 21.36
N SER A 194 1.59 3.82 20.91
CA SER A 194 0.89 2.65 21.42
C SER A 194 1.49 1.37 20.84
N ILE A 195 1.78 1.39 19.54
CA ILE A 195 2.45 0.26 18.93
C ILE A 195 3.82 0.06 19.58
N LEU A 196 4.61 1.15 19.68
CA LEU A 196 6.01 1.00 20.09
C LEU A 196 6.15 0.81 21.60
N HIS A 197 5.35 1.52 22.40
CA HIS A 197 5.60 1.60 23.82
C HIS A 197 4.36 1.26 24.66
N ARG A 198 3.27 0.83 24.03
CA ARG A 198 2.03 0.48 24.74
C ARG A 198 1.49 1.66 25.53
N ILE A 199 1.66 2.87 25.02
CA ILE A 199 1.13 4.07 25.67
C ILE A 199 -0.25 4.34 25.08
N TYR A 200 -1.26 4.38 25.93
CA TYR A 200 -2.64 4.72 25.54
C TYR A 200 -3.07 5.90 26.37
N THR A 201 -3.35 7.03 25.71
CA THR A 201 -3.83 8.24 26.35
C THR A 201 -5.06 8.72 25.60
N HIS A 202 -5.59 9.86 26.03
CA HIS A 202 -6.64 10.51 25.23
C HIS A 202 -6.07 11.03 23.91
N GLN A 203 -4.79 11.38 23.87
CA GLN A 203 -4.20 11.83 22.61
C GLN A 203 -3.93 10.68 21.63
N SER A 204 -3.67 9.46 22.11
CA SER A 204 -3.62 8.34 21.17
C SER A 204 -5.00 8.00 20.65
N ASP A 205 -6.04 8.17 21.49
CA ASP A 205 -7.42 8.00 21.02
C ASP A 205 -7.71 8.92 19.84
N VAL A 206 -7.20 10.15 19.89
CA VAL A 206 -7.31 11.09 18.78
C VAL A 206 -6.74 10.51 17.49
N TRP A 207 -5.62 9.79 17.56
CA TRP A 207 -5.09 9.09 16.37
C TRP A 207 -6.15 8.12 15.84
N SER A 208 -6.72 7.32 16.74
CA SER A 208 -7.73 6.32 16.36
C SER A 208 -8.95 7.03 15.80
N TYR A 209 -9.27 8.20 16.34
CA TYR A 209 -10.36 9.00 15.75
C TYR A 209 -10.03 9.37 14.33
N GLY A 210 -8.77 9.76 14.07
CA GLY A 210 -8.36 10.10 12.71
C GLY A 210 -8.55 8.94 11.74
N VAL A 211 -8.15 7.73 12.16
CA VAL A 211 -8.36 6.55 11.32
C VAL A 211 -9.84 6.28 11.14
N THR A 212 -10.63 6.41 12.23
CA THR A 212 -12.07 6.19 12.15
C THR A 212 -12.71 7.12 11.15
N VAL A 213 -12.35 8.40 11.21
CA VAL A 213 -12.89 9.34 10.25
C VAL A 213 -12.52 8.92 8.82
N TRP A 214 -11.27 8.51 8.61
CA TRP A 214 -10.85 8.04 7.30
C TRP A 214 -11.67 6.85 6.84
N GLU A 215 -11.93 5.91 7.75
CA GLU A 215 -12.81 4.79 7.42
C GLU A 215 -14.14 5.28 6.88
N LEU A 216 -14.74 6.26 7.55
CA LEU A 216 -16.05 6.73 7.12
C LEU A 216 -15.95 7.37 5.74
N MET A 217 -14.99 8.30 5.57
CA MET A 217 -14.90 9.07 4.34
C MET A 217 -14.54 8.22 3.13
N THR A 218 -13.93 7.05 3.34
CA THR A 218 -13.69 6.09 2.27
C THR A 218 -14.82 5.09 2.15
N PHE A 219 -15.87 5.26 2.94
CA PHE A 219 -17.01 4.34 2.95
C PHE A 219 -16.58 2.93 3.33
N GLY A 220 -15.66 2.83 4.29
CA GLY A 220 -15.33 1.57 4.88
C GLY A 220 -14.12 0.85 4.31
N SER A 221 -13.21 1.55 3.63
CA SER A 221 -12.01 0.92 3.14
C SER A 221 -11.16 0.44 4.32
N LYS A 222 -10.32 -0.55 4.04
CA LYS A 222 -9.43 -1.10 5.05
C LYS A 222 -8.14 -0.29 5.09
N PRO A 223 -7.74 0.23 6.24
CA PRO A 223 -6.58 1.13 6.27
C PRO A 223 -5.29 0.38 5.99
N TYR A 224 -4.40 1.02 5.23
CA TYR A 224 -3.11 0.43 4.86
C TYR A 224 -3.31 -0.93 4.20
N ASP A 225 -4.32 -1.04 3.34
CA ASP A 225 -4.68 -2.33 2.80
C ASP A 225 -3.50 -2.94 2.07
N GLY A 226 -3.16 -4.18 2.42
CA GLY A 226 -2.02 -4.85 1.82
C GLY A 226 -0.66 -4.62 2.47
N ILE A 227 -0.58 -3.84 3.55
CA ILE A 227 0.64 -3.67 4.33
C ILE A 227 0.55 -4.57 5.57
N PRO A 228 1.53 -5.46 5.81
CA PRO A 228 1.48 -6.29 7.02
C PRO A 228 1.48 -5.44 8.28
N ALA A 229 0.63 -5.83 9.25
CA ALA A 229 0.53 -5.10 10.50
C ALA A 229 1.89 -4.94 11.17
N SER A 230 2.72 -5.97 11.10
CA SER A 230 4.04 -5.94 11.72
C SER A 230 4.95 -4.86 11.15
N GLU A 231 4.63 -4.32 9.98
CA GLU A 231 5.48 -3.32 9.33
C GLU A 231 4.93 -1.90 9.42
N ILE A 232 3.78 -1.70 10.09
CA ILE A 232 3.10 -0.41 10.14
C ILE A 232 3.92 0.63 10.90
N SER A 233 4.53 0.26 12.03
CA SER A 233 5.30 1.26 12.77
C SER A 233 6.44 1.79 11.91
N SER A 234 6.97 0.96 11.03
CA SER A 234 8.07 1.43 10.19
C SER A 234 7.59 2.50 9.22
N ILE A 235 6.44 2.28 8.58
CA ILE A 235 6.01 3.24 7.57
C ILE A 235 5.56 4.53 8.22
N LEU A 236 5.00 4.46 9.44
CA LEU A 236 4.62 5.65 10.17
C LEU A 236 5.85 6.46 10.58
N GLU A 237 6.86 5.79 11.13
CA GLU A 237 8.08 6.50 11.50
C GLU A 237 8.69 7.20 10.30
N LYS A 238 8.61 6.58 9.13
CA LYS A 238 9.04 7.20 7.87
C LYS A 238 8.07 8.28 7.41
N GLY A 239 6.99 8.53 8.14
CA GLY A 239 6.15 9.64 7.77
C GLY A 239 5.05 9.32 6.78
N GLU A 240 4.84 8.04 6.45
CA GLU A 240 3.77 7.66 5.56
C GLU A 240 2.45 7.66 6.36
N ARG A 241 1.37 8.09 5.73
CA ARG A 241 0.08 8.15 6.41
C ARG A 241 -1.02 7.68 5.47
N LEU A 242 -2.20 7.47 6.03
CA LEU A 242 -3.35 7.05 5.24
C LEU A 242 -3.65 8.09 4.16
N PRO A 243 -4.08 7.66 2.98
CA PRO A 243 -4.23 8.58 1.85
C PRO A 243 -5.50 9.42 1.94
N GLN A 244 -5.51 10.50 1.17
CA GLN A 244 -6.62 11.47 1.15
C GLN A 244 -7.84 10.86 0.49
N PRO A 245 -8.96 10.69 1.19
CA PRO A 245 -10.13 10.09 0.56
C PRO A 245 -10.58 10.87 -0.67
N PRO A 246 -11.06 10.17 -1.70
CA PRO A 246 -11.51 10.85 -2.92
C PRO A 246 -12.55 11.93 -2.67
N ILE A 247 -13.36 11.84 -1.61
CA ILE A 247 -14.36 12.88 -1.40
C ILE A 247 -13.90 14.02 -0.49
N CYS A 248 -12.75 13.89 0.18
CA CYS A 248 -12.33 14.86 1.17
C CYS A 248 -11.62 16.05 0.53
N THR A 249 -12.10 17.27 0.80
CA THR A 249 -11.34 18.49 0.49
C THR A 249 -10.09 18.55 1.38
N ILE A 250 -9.23 19.53 1.09
CA ILE A 250 -7.99 19.67 1.83
C ILE A 250 -8.24 19.96 3.32
N ASP A 251 -9.29 20.74 3.60
CA ASP A 251 -9.63 21.08 4.97
C ASP A 251 -9.93 19.85 5.81
N VAL A 252 -10.69 18.91 5.26
CA VAL A 252 -10.98 17.71 6.02
C VAL A 252 -9.76 16.82 6.12
N TYR A 253 -9.01 16.67 5.03
CA TYR A 253 -7.84 15.80 5.10
C TYR A 253 -6.80 16.33 6.09
N MET A 254 -6.65 17.65 6.18
CA MET A 254 -5.67 18.22 7.10
C MET A 254 -5.99 17.90 8.56
N ILE A 255 -7.27 17.91 8.93
CA ILE A 255 -7.65 17.48 10.26
C ILE A 255 -7.22 16.06 10.51
N MET A 256 -7.54 15.16 9.57
CA MET A 256 -7.14 13.78 9.75
C MET A 256 -5.62 13.67 9.93
N ARG A 257 -4.86 14.44 9.16
CA ARG A 257 -3.41 14.39 9.24
C ARG A 257 -2.93 14.92 10.59
N LYS A 258 -3.64 15.90 11.15
CA LYS A 258 -3.20 16.42 12.43
C LYS A 258 -3.42 15.40 13.54
N CYS A 259 -4.40 14.52 13.38
CA CYS A 259 -4.57 13.45 14.37
C CYS A 259 -3.42 12.46 14.34
N TRP A 260 -2.63 12.44 13.28
CA TRP A 260 -1.59 11.45 13.10
C TRP A 260 -0.19 12.05 13.27
N MET A 261 -0.09 13.18 13.99
CA MET A 261 1.24 13.73 14.27
C MET A 261 2.00 12.80 15.21
N ILE A 262 3.32 12.75 15.03
CA ILE A 262 4.14 11.88 15.87
C ILE A 262 4.16 12.41 17.31
N ASP A 263 4.21 13.73 17.49
CA ASP A 263 4.13 14.32 18.82
C ASP A 263 2.69 14.36 19.25
N ALA A 264 2.34 13.55 20.26
CA ALA A 264 0.95 13.36 20.65
C ALA A 264 0.30 14.67 21.05
N ASP A 265 1.08 15.58 21.66
CA ASP A 265 0.54 16.85 22.11
C ASP A 265 0.29 17.84 20.98
N SER A 266 0.79 17.58 19.76
CA SER A 266 0.48 18.40 18.59
C SER A 266 -0.81 17.99 17.91
N ARG A 267 -1.36 16.83 18.26
CA ARG A 267 -2.62 16.42 17.70
C ARG A 267 -3.73 17.30 18.25
N PRO A 268 -4.80 17.49 17.49
CA PRO A 268 -5.94 18.27 18.02
C PRO A 268 -6.55 17.58 19.23
N LYS A 269 -7.28 18.37 20.02
CA LYS A 269 -8.08 17.90 21.14
C LYS A 269 -9.49 17.58 20.66
N PHE A 270 -10.18 16.72 21.42
CA PHE A 270 -11.53 16.34 21.00
C PHE A 270 -12.47 17.54 20.95
N ARG A 271 -12.31 18.50 21.86
CA ARG A 271 -13.14 19.70 21.85
C ARG A 271 -12.96 20.51 20.57
N GLU A 272 -11.70 20.65 20.14
CA GLU A 272 -11.41 21.34 18.88
C GLU A 272 -12.06 20.61 17.70
N LEU A 273 -12.03 19.27 17.72
CA LEU A 273 -12.62 18.48 16.64
C LEU A 273 -14.14 18.69 16.56
N ILE A 274 -14.80 18.81 17.72
CA ILE A 274 -16.23 19.12 17.74
C ILE A 274 -16.50 20.46 17.08
N ILE A 275 -15.75 21.49 17.48
CA ILE A 275 -15.97 22.82 16.93
C ILE A 275 -15.73 22.78 15.42
N GLU A 276 -14.65 22.12 15.00
CA GLU A 276 -14.28 22.15 13.59
C GLU A 276 -15.24 21.36 12.70
N PHE A 277 -15.60 20.15 13.09
CA PHE A 277 -16.54 19.41 12.26
C PHE A 277 -17.94 20.01 12.32
N SER A 278 -18.30 20.64 13.44
CA SER A 278 -19.55 21.38 13.49
C SER A 278 -19.52 22.52 12.50
N LYS A 279 -18.41 23.26 12.45
CA LYS A 279 -18.29 24.32 11.46
C LYS A 279 -18.50 23.77 10.06
N MET A 280 -17.85 22.67 9.73
CA MET A 280 -18.00 22.11 8.40
C MET A 280 -19.40 21.57 8.16
N ALA A 281 -20.00 20.94 9.17
CA ALA A 281 -21.33 20.39 8.99
C ALA A 281 -22.33 21.47 8.66
N ARG A 282 -22.02 22.73 8.99
CA ARG A 282 -22.91 23.83 8.68
C ARG A 282 -22.87 24.22 7.21
N ASP A 283 -21.83 23.81 6.49
CA ASP A 283 -21.71 24.03 5.04
C ASP A 283 -21.12 22.74 4.47
N PRO A 284 -21.85 21.63 4.55
CA PRO A 284 -21.25 20.32 4.31
C PRO A 284 -20.68 20.16 2.92
N GLN A 285 -21.35 20.74 1.91
CA GLN A 285 -20.93 20.57 0.53
C GLN A 285 -19.68 21.34 0.18
N ARG A 286 -19.28 22.32 1.01
CA ARG A 286 -18.01 22.99 0.77
C ARG A 286 -16.85 22.11 1.15
N TYR A 287 -17.06 21.17 2.06
CA TYR A 287 -15.96 20.40 2.61
C TYR A 287 -15.94 18.95 2.16
N LEU A 288 -17.06 18.43 1.69
CA LEU A 288 -17.09 17.09 1.11
C LEU A 288 -17.65 17.17 -0.28
N VAL A 289 -16.94 16.55 -1.20
CA VAL A 289 -17.28 16.54 -2.61
C VAL A 289 -17.77 15.15 -2.95
N ILE A 290 -19.08 15.00 -3.08
CA ILE A 290 -19.73 13.71 -3.27
C ILE A 290 -20.63 13.77 -4.50
N GLN A 291 -20.49 12.79 -5.39
CA GLN A 291 -21.28 12.74 -6.62
C GLN A 291 -22.74 12.42 -6.26
N GLY A 292 -23.66 13.32 -6.63
CA GLY A 292 -25.05 13.12 -6.32
C GLY A 292 -25.43 13.57 -4.93
N ASP A 293 -24.58 14.39 -4.30
CA ASP A 293 -24.81 14.79 -2.92
C ASP A 293 -26.13 15.56 -2.78
N GLU A 294 -26.55 16.25 -3.84
CA GLU A 294 -27.74 17.07 -3.81
C GLU A 294 -29.05 16.29 -3.77
N ARG A 295 -29.04 14.98 -3.98
CA ARG A 295 -30.31 14.25 -3.89
C ARG A 295 -30.50 13.56 -2.54
N MET A 296 -29.43 13.42 -1.76
CA MET A 296 -29.46 12.87 -0.41
C MET A 296 -29.25 14.01 0.59
N HIS A 297 -30.21 14.17 1.51
CA HIS A 297 -30.15 15.15 2.59
C HIS A 297 -30.53 14.46 3.89
N LEU A 298 -30.39 15.20 4.99
CA LEU A 298 -30.83 14.70 6.29
C LEU A 298 -32.34 14.50 6.27
N PRO A 299 -32.88 13.78 7.25
CA PRO A 299 -34.33 13.54 7.24
C PRO A 299 -35.09 14.79 7.65
N SER A 300 -36.28 14.91 7.07
CA SER A 300 -37.18 15.98 7.41
C SER A 300 -37.48 15.92 8.90
N PRO A 301 -37.94 17.03 9.50
CA PRO A 301 -38.35 16.95 10.91
C PRO A 301 -39.32 15.80 11.14
N THR A 302 -40.22 15.57 10.17
CA THR A 302 -41.18 14.47 10.24
C THR A 302 -40.49 13.13 10.44
N ASP A 303 -39.50 12.83 9.62
CA ASP A 303 -38.92 11.50 9.66
C ASP A 303 -38.03 11.30 10.88
N SER A 304 -37.41 12.35 11.40
CA SER A 304 -36.67 12.23 12.65
C SER A 304 -37.61 11.98 13.83
N ASN A 305 -38.70 12.74 13.92
CA ASN A 305 -39.65 12.51 14.99
C ASN A 305 -40.18 11.09 14.92
N PHE A 306 -40.41 10.57 13.71
CA PHE A 306 -40.87 9.19 13.58
C PHE A 306 -39.79 8.21 14.03
N TYR A 307 -38.55 8.41 13.60
CA TYR A 307 -37.44 7.59 14.08
C TYR A 307 -37.31 7.64 15.59
N ARG A 308 -37.42 8.82 16.18
CA ARG A 308 -37.18 8.95 17.60
C ARG A 308 -38.28 8.24 18.41
N ALA A 309 -39.54 8.39 18.00
CA ALA A 309 -40.62 7.78 18.77
C ALA A 309 -40.55 6.26 18.73
N LEU A 310 -40.03 5.68 17.64
CA LEU A 310 -39.89 4.22 17.53
C LEU A 310 -38.59 3.69 18.10
N MET A 311 -37.46 4.33 17.84
CA MET A 311 -36.18 3.74 18.17
C MET A 311 -35.32 4.56 19.10
N ASP A 312 -35.66 5.82 19.39
CA ASP A 312 -34.62 6.62 19.99
C ASP A 312 -35.26 7.75 20.82
N GLU A 313 -35.61 7.42 22.05
CA GLU A 313 -36.33 8.36 22.91
C GLU A 313 -35.44 9.15 23.85
N GLU A 314 -34.13 8.93 23.85
CA GLU A 314 -33.22 9.58 24.80
C GLU A 314 -32.98 11.05 24.43
N ASP A 315 -32.47 11.81 25.41
CA ASP A 315 -32.46 13.28 25.36
C ASP A 315 -31.96 13.85 24.04
N MET A 316 -30.74 13.50 23.63
CA MET A 316 -30.29 13.93 22.31
C MET A 316 -29.66 12.79 21.53
N ASN B 9 29.85 43.53 -21.77
CA ASN B 9 28.50 43.02 -21.42
C ASN B 9 28.35 41.61 -21.91
N GLN B 10 28.05 41.47 -23.21
CA GLN B 10 27.99 40.15 -23.81
C GLN B 10 29.36 39.50 -23.88
N ALA B 11 30.44 40.26 -23.64
CA ALA B 11 31.76 39.65 -23.47
C ALA B 11 31.87 38.83 -22.19
N LEU B 12 30.87 38.89 -21.33
CA LEU B 12 30.89 38.06 -20.14
C LEU B 12 30.33 36.67 -20.39
N LEU B 13 29.65 36.44 -21.50
CA LEU B 13 29.10 35.12 -21.80
C LEU B 13 29.78 34.57 -23.05
N ARG B 14 30.47 33.46 -22.90
CA ARG B 14 31.13 32.80 -24.01
C ARG B 14 30.20 31.78 -24.65
N ILE B 15 30.01 31.89 -25.95
CA ILE B 15 29.23 30.93 -26.74
C ILE B 15 30.17 29.79 -27.15
N LEU B 16 29.85 28.58 -26.69
CA LEU B 16 30.65 27.38 -26.91
C LEU B 16 30.11 26.54 -28.06
N LYS B 17 31.03 25.86 -28.75
CA LYS B 17 30.71 24.82 -29.73
C LYS B 17 30.64 23.46 -29.05
N GLU B 18 29.81 22.58 -29.60
CA GLU B 18 29.74 21.20 -29.13
C GLU B 18 31.12 20.55 -29.07
N THR B 19 31.95 20.83 -30.09
CA THR B 19 33.23 20.14 -30.25
C THR B 19 34.29 20.56 -29.23
N GLU B 20 34.05 21.60 -28.42
CA GLU B 20 35.06 22.10 -27.50
C GLU B 20 34.75 21.80 -26.05
N PHE B 21 33.78 20.93 -25.76
CA PHE B 21 33.58 20.48 -24.39
C PHE B 21 32.88 19.13 -24.42
N LYS B 22 33.06 18.34 -23.35
CA LYS B 22 32.44 17.03 -23.26
C LYS B 22 31.93 16.82 -21.85
N LYS B 23 30.71 16.31 -21.74
CA LYS B 23 30.21 15.86 -20.44
C LYS B 23 30.84 14.51 -20.15
N ILE B 24 31.25 14.28 -18.89
CA ILE B 24 31.92 13.02 -18.57
C ILE B 24 31.24 12.26 -17.43
N LYS B 25 30.55 12.95 -16.53
CA LYS B 25 29.98 12.25 -15.38
C LYS B 25 28.79 13.02 -14.85
N VAL B 26 27.71 12.30 -14.51
CA VAL B 26 26.52 12.93 -13.95
C VAL B 26 26.78 13.29 -12.49
N LEU B 27 26.47 14.53 -12.12
CA LEU B 27 26.61 14.93 -10.73
C LEU B 27 25.28 14.90 -9.97
N GLY B 28 24.18 15.01 -10.66
CA GLY B 28 22.86 15.02 -10.05
C GLY B 28 21.91 15.81 -10.92
N SER B 29 20.63 15.75 -10.58
CA SER B 29 19.64 16.43 -11.39
C SER B 29 18.58 17.05 -10.48
N GLY B 30 17.94 18.10 -10.99
CA GLY B 30 16.87 18.73 -10.24
C GLY B 30 15.70 19.07 -11.15
N ALA B 31 14.79 19.94 -10.69
CA ALA B 31 13.60 20.26 -11.50
C ALA B 31 13.90 20.82 -12.89
N PHE B 32 15.03 21.53 -13.09
CA PHE B 32 15.29 22.19 -14.37
C PHE B 32 16.39 21.58 -15.20
N GLY B 33 17.14 20.62 -14.67
CA GLY B 33 18.17 20.01 -15.48
C GLY B 33 18.95 18.97 -14.71
N THR B 34 19.97 18.46 -15.38
CA THR B 34 20.98 17.56 -14.84
C THR B 34 22.32 18.27 -14.90
N VAL B 35 23.09 18.20 -13.83
CA VAL B 35 24.40 18.84 -13.75
C VAL B 35 25.47 17.77 -13.96
N TYR B 36 26.43 18.06 -14.83
CA TYR B 36 27.53 17.17 -15.19
C TYR B 36 28.86 17.78 -14.82
N LYS B 37 29.79 16.92 -14.42
CA LYS B 37 31.20 17.25 -14.52
C LYS B 37 31.62 17.06 -15.98
N GLY B 38 32.26 18.08 -16.56
CA GLY B 38 32.66 18.04 -17.95
C GLY B 38 34.09 18.53 -18.12
N LEU B 39 34.54 18.54 -19.38
CA LEU B 39 35.89 19.00 -19.72
C LEU B 39 35.83 20.00 -20.85
N TRP B 40 36.47 21.15 -20.67
CA TRP B 40 36.59 22.13 -21.74
C TRP B 40 37.94 21.96 -22.44
N ILE B 41 37.91 21.89 -23.77
CA ILE B 41 39.13 21.67 -24.55
C ILE B 41 39.41 22.93 -25.36
N PRO B 42 40.25 23.82 -24.86
CA PRO B 42 40.54 25.05 -25.60
C PRO B 42 41.09 24.68 -26.97
N GLU B 43 40.60 25.38 -27.98
CA GLU B 43 41.06 25.14 -29.34
C GLU B 43 42.56 25.34 -29.43
N GLY B 44 43.23 24.41 -30.12
CA GLY B 44 44.64 24.51 -30.35
C GLY B 44 45.49 24.23 -29.14
N GLU B 45 44.89 23.80 -28.03
CA GLU B 45 45.63 23.42 -26.84
C GLU B 45 45.47 21.93 -26.60
N LYS B 46 46.27 21.41 -25.66
CA LYS B 46 46.27 19.99 -25.33
C LYS B 46 45.69 19.70 -23.96
N VAL B 47 45.24 20.69 -23.23
CA VAL B 47 44.77 20.45 -21.88
C VAL B 47 43.26 20.24 -21.90
N LYS B 48 42.75 19.62 -20.84
CA LYS B 48 41.32 19.38 -20.67
C LYS B 48 40.95 19.97 -19.31
N ILE B 49 40.19 21.05 -19.32
CA ILE B 49 39.93 21.86 -18.12
C ILE B 49 38.54 21.49 -17.57
N PRO B 50 38.43 21.12 -16.30
CA PRO B 50 37.12 20.74 -15.73
C PRO B 50 36.13 21.90 -15.68
N VAL B 51 34.89 21.62 -16.09
CA VAL B 51 33.78 22.54 -15.98
C VAL B 51 32.61 21.83 -15.29
N ALA B 52 31.57 22.60 -14.98
CA ALA B 52 30.26 22.07 -14.65
C ALA B 52 29.32 22.46 -15.76
N ILE B 53 28.57 21.50 -16.26
CA ILE B 53 27.62 21.69 -17.35
C ILE B 53 26.25 21.34 -16.82
N LYS B 54 25.30 22.26 -16.96
CA LYS B 54 23.91 21.99 -16.61
C LYS B 54 23.12 21.92 -17.91
N GLU B 55 22.64 20.74 -18.25
CA GLU B 55 21.82 20.57 -19.43
C GLU B 55 20.36 20.69 -19.01
N LEU B 56 19.67 21.67 -19.55
CA LEU B 56 18.30 21.94 -19.19
C LEU B 56 17.40 20.89 -19.82
N ARG B 57 16.21 20.74 -19.25
CA ARG B 57 15.32 19.69 -19.71
C ARG B 57 14.21 20.29 -20.55
N PRO B 62 9.87 25.38 -24.90
CA PRO B 62 8.97 26.55 -24.95
C PRO B 62 9.63 27.94 -24.90
N LYS B 63 10.97 28.00 -24.98
CA LYS B 63 11.70 29.27 -24.90
C LYS B 63 12.72 29.34 -26.03
N ALA B 64 12.75 30.46 -26.75
CA ALA B 64 13.62 30.64 -27.90
C ALA B 64 15.07 30.84 -27.48
N ASN B 65 15.98 30.60 -28.43
CA ASN B 65 17.41 30.74 -28.14
C ASN B 65 17.72 32.19 -27.75
N LYS B 66 17.03 33.14 -28.37
CA LYS B 66 17.24 34.55 -28.09
C LYS B 66 16.79 34.92 -26.67
N GLU B 67 15.61 34.46 -26.29
CA GLU B 67 15.14 34.64 -24.92
C GLU B 67 16.15 34.10 -23.93
N ILE B 68 16.61 32.85 -24.13
CA ILE B 68 17.60 32.29 -23.23
C ILE B 68 18.82 33.18 -23.18
N LEU B 69 19.30 33.61 -24.35
CA LEU B 69 20.50 34.43 -24.41
C LEU B 69 20.31 35.73 -23.65
N ASP B 70 19.14 36.36 -23.79
CA ASP B 70 18.89 37.60 -23.06
C ASP B 70 19.04 37.39 -21.56
N GLU B 71 18.42 36.36 -21.01
CA GLU B 71 18.60 36.12 -19.58
C GLU B 71 19.98 35.56 -19.28
N ALA B 72 20.54 34.76 -20.19
CA ALA B 72 21.87 34.21 -19.94
C ALA B 72 22.89 35.33 -19.75
N TYR B 73 22.77 36.40 -20.55
CA TYR B 73 23.68 37.54 -20.43
C TYR B 73 23.55 38.19 -19.06
N VAL B 74 22.32 38.29 -18.55
CA VAL B 74 22.14 38.81 -17.19
C VAL B 74 22.84 37.91 -16.18
N MET B 75 22.67 36.59 -16.33
CA MET B 75 23.28 35.67 -15.36
C MET B 75 24.80 35.64 -15.47
N ALA B 76 25.35 35.93 -16.66
CA ALA B 76 26.80 36.02 -16.85
C ALA B 76 27.38 37.32 -16.29
N SER B 77 26.53 38.25 -15.90
CA SER B 77 26.92 39.58 -15.48
C SER B 77 26.98 39.72 -13.97
N VAL B 78 26.75 38.66 -13.20
CA VAL B 78 26.81 38.79 -11.75
C VAL B 78 28.26 38.64 -11.32
N ASP B 79 28.74 39.61 -10.54
CA ASP B 79 30.14 39.70 -10.15
C ASP B 79 30.12 39.99 -8.66
N ASN B 80 30.22 38.91 -7.87
CA ASN B 80 30.18 38.97 -6.42
C ASN B 80 30.82 37.72 -5.86
N PRO B 81 31.63 37.83 -4.81
CA PRO B 81 32.32 36.63 -4.28
C PRO B 81 31.40 35.53 -3.81
N HIS B 82 30.11 35.81 -3.58
CA HIS B 82 29.21 34.84 -2.99
C HIS B 82 28.02 34.53 -3.89
N VAL B 83 28.20 34.72 -5.20
CA VAL B 83 27.19 34.33 -6.19
C VAL B 83 27.90 33.74 -7.39
N CYS B 84 27.48 32.54 -7.81
CA CYS B 84 28.07 31.93 -8.99
C CYS B 84 27.67 32.68 -10.26
N ARG B 85 28.64 32.85 -11.15
CA ARG B 85 28.44 33.51 -12.44
C ARG B 85 28.29 32.46 -13.53
N LEU B 86 27.34 32.66 -14.44
CA LEU B 86 27.25 31.79 -15.61
C LEU B 86 28.38 32.16 -16.56
N LEU B 87 29.15 31.16 -17.00
CA LEU B 87 30.35 31.47 -17.79
C LEU B 87 30.14 31.26 -19.28
N GLY B 88 29.49 30.16 -19.68
CA GLY B 88 29.25 29.90 -21.09
C GLY B 88 27.92 29.19 -21.30
N ILE B 89 27.52 29.11 -22.57
CA ILE B 89 26.26 28.48 -22.97
C ILE B 89 26.42 27.86 -24.35
N CYS B 90 25.76 26.73 -24.55
CA CYS B 90 25.70 26.06 -25.85
C CYS B 90 24.25 25.75 -26.20
N LEU B 91 23.81 26.25 -27.35
CA LEU B 91 22.41 26.13 -27.81
C LEU B 91 22.26 24.97 -28.79
N THR B 92 22.43 23.77 -28.23
CA THR B 92 22.17 22.54 -28.97
C THR B 92 20.66 22.33 -29.10
N SER B 93 20.26 21.07 -29.28
CA SER B 93 18.84 20.75 -29.20
C SER B 93 18.39 20.99 -27.76
N THR B 94 19.11 20.40 -26.81
CA THR B 94 18.97 20.71 -25.40
C THR B 94 20.05 21.70 -25.02
N VAL B 95 19.64 22.78 -24.36
CA VAL B 95 20.51 23.88 -23.98
C VAL B 95 21.43 23.50 -22.84
N GLN B 96 22.72 23.87 -22.94
CA GLN B 96 23.73 23.53 -21.95
C GLN B 96 24.39 24.78 -21.38
N LEU B 97 24.48 24.88 -20.06
CA LEU B 97 25.08 26.03 -19.41
C LEU B 97 26.36 25.62 -18.71
N ILE B 98 27.41 26.42 -18.84
CA ILE B 98 28.73 26.04 -18.34
C ILE B 98 29.12 27.02 -17.25
N MET B 99 29.52 26.48 -16.10
CA MET B 99 29.96 27.30 -14.99
C MET B 99 31.14 26.60 -14.35
N GLN B 100 31.69 27.27 -13.34
CA GLN B 100 32.82 26.72 -12.59
C GLN B 100 32.40 25.46 -11.85
N LEU B 101 33.29 24.47 -11.84
CA LEU B 101 33.03 23.20 -11.18
C LEU B 101 33.42 23.31 -9.72
N MET B 102 32.46 23.05 -8.82
CA MET B 102 32.66 23.07 -7.37
C MET B 102 32.71 21.66 -6.83
N PRO B 103 33.88 21.03 -6.69
CA PRO B 103 33.91 19.60 -6.31
C PRO B 103 33.35 19.31 -4.93
N PHE B 104 33.24 20.29 -4.03
CA PHE B 104 32.62 19.99 -2.74
C PHE B 104 31.11 19.80 -2.85
N GLY B 105 30.48 20.27 -3.93
CA GLY B 105 29.04 20.12 -4.07
C GLY B 105 28.25 21.20 -3.34
N CYS B 106 26.97 20.90 -3.07
CA CYS B 106 26.09 21.89 -2.47
C CYS B 106 26.15 21.85 -0.94
N LEU B 107 25.77 22.99 -0.33
CA LEU B 107 25.87 23.16 1.11
C LEU B 107 24.90 22.25 1.86
N LEU B 108 23.76 21.94 1.26
CA LEU B 108 22.80 21.06 1.93
C LEU B 108 23.44 19.70 2.17
N ASP B 109 24.07 19.13 1.15
CA ASP B 109 24.76 17.85 1.27
C ASP B 109 25.97 17.97 2.19
N TYR B 110 26.66 19.10 2.13
CA TYR B 110 27.84 19.24 2.97
C TYR B 110 27.46 19.15 4.43
N VAL B 111 26.41 19.85 4.82
CA VAL B 111 26.03 19.86 6.23
C VAL B 111 25.45 18.52 6.65
N ARG B 112 24.75 17.82 5.78
CA ARG B 112 24.28 16.48 6.12
C ARG B 112 25.46 15.53 6.33
N GLU B 113 26.46 15.58 5.45
CA GLU B 113 27.57 14.65 5.54
C GLU B 113 28.49 14.96 6.72
N HIS B 114 28.61 16.22 7.13
CA HIS B 114 29.45 16.61 8.26
C HIS B 114 28.63 17.03 9.47
N LYS B 115 27.42 16.47 9.61
CA LYS B 115 26.47 16.99 10.57
C LYS B 115 26.92 16.90 12.01
N ASP B 116 28.00 16.17 12.30
CA ASP B 116 28.58 16.10 13.63
C ASP B 116 29.88 16.89 13.79
N ASN B 117 30.44 17.46 12.72
CA ASN B 117 31.72 18.17 12.74
C ASN B 117 31.61 19.67 12.52
N ILE B 118 30.40 20.24 12.43
CA ILE B 118 30.20 21.64 12.09
C ILE B 118 29.97 22.43 13.37
N GLY B 119 30.83 23.42 13.61
CA GLY B 119 30.74 24.30 14.75
C GLY B 119 30.04 25.60 14.39
N SER B 120 29.72 26.36 15.43
CA SER B 120 28.87 27.54 15.27
C SER B 120 29.48 28.56 14.33
N GLN B 121 30.81 28.65 14.30
CA GLN B 121 31.48 29.68 13.51
C GLN B 121 31.24 29.47 12.03
N TYR B 122 31.26 28.22 11.57
CA TYR B 122 30.97 27.97 10.17
C TYR B 122 29.53 28.30 9.83
N LEU B 123 28.58 27.81 10.65
CA LEU B 123 27.17 28.00 10.35
C LEU B 123 26.84 29.50 10.24
N LEU B 124 27.25 30.28 11.24
CA LEU B 124 26.97 31.71 11.20
C LEU B 124 27.69 32.40 10.05
N ASN B 125 28.91 31.99 9.73
CA ASN B 125 29.61 32.66 8.62
C ASN B 125 28.97 32.31 7.29
N TRP B 126 28.53 31.06 7.13
CA TRP B 126 27.76 30.71 5.92
C TRP B 126 26.53 31.60 5.77
N CYS B 127 25.81 31.86 6.87
CA CYS B 127 24.62 32.73 6.81
C CYS B 127 24.98 34.15 6.40
N VAL B 128 26.12 34.64 6.89
CA VAL B 128 26.62 35.95 6.46
C VAL B 128 26.86 35.93 4.96
N GLN B 129 27.58 34.91 4.46
CA GLN B 129 27.95 34.91 3.06
C GLN B 129 26.71 34.80 2.18
N ILE B 130 25.74 34.00 2.58
CA ILE B 130 24.54 33.85 1.75
C ILE B 130 23.79 35.16 1.67
N ALA B 131 23.75 35.91 2.77
CA ALA B 131 23.08 37.21 2.77
C ALA B 131 23.83 38.20 1.89
N LYS B 132 25.15 38.19 1.99
CA LYS B 132 25.97 39.05 1.13
C LYS B 132 25.64 38.82 -0.34
N GLY B 133 25.60 37.58 -0.77
CA GLY B 133 25.27 37.32 -2.16
C GLY B 133 23.87 37.75 -2.54
N MET B 134 22.89 37.49 -1.67
CA MET B 134 21.53 37.91 -1.97
C MET B 134 21.42 39.42 -1.97
N ASN B 135 22.13 40.08 -1.05
CA ASN B 135 22.14 41.54 -1.03
C ASN B 135 22.67 42.11 -2.34
N TYR B 136 23.72 41.50 -2.88
CA TYR B 136 24.24 41.90 -4.17
C TYR B 136 23.19 41.74 -5.24
N LEU B 137 22.55 40.57 -5.28
CA LEU B 137 21.45 40.37 -6.22
C LEU B 137 20.37 41.42 -6.05
N GLU B 138 20.07 41.82 -4.79
CA GLU B 138 19.08 42.88 -4.59
C GLU B 138 19.58 44.23 -5.12
N ASP B 139 20.85 44.55 -4.87
CA ASP B 139 21.41 45.79 -5.44
C ASP B 139 21.25 45.82 -6.95
N ARG B 140 21.39 44.67 -7.60
CA ARG B 140 21.21 44.56 -9.04
C ARG B 140 19.74 44.46 -9.46
N ARG B 141 18.80 44.53 -8.52
CA ARG B 141 17.36 44.37 -8.82
C ARG B 141 17.10 43.01 -9.48
N LEU B 142 17.77 41.98 -9.01
CA LEU B 142 17.59 40.62 -9.49
C LEU B 142 16.96 39.75 -8.40
N VAL B 143 15.86 39.08 -8.72
CA VAL B 143 15.19 38.16 -7.79
C VAL B 143 15.62 36.73 -8.09
N HIS B 144 16.05 35.99 -7.06
CA HIS B 144 16.54 34.62 -7.27
C HIS B 144 15.40 33.66 -7.59
N ARG B 145 14.43 33.55 -6.69
CA ARG B 145 13.21 32.75 -6.76
C ARG B 145 13.42 31.28 -6.40
N ASP B 146 14.65 30.83 -6.17
CA ASP B 146 14.85 29.42 -5.83
C ASP B 146 16.04 29.26 -4.89
N LEU B 147 16.21 30.21 -3.96
CA LEU B 147 17.21 30.05 -2.92
C LEU B 147 16.82 28.91 -1.97
N ALA B 148 17.82 28.15 -1.53
CA ALA B 148 17.66 26.93 -0.75
C ALA B 148 19.06 26.39 -0.49
N ALA B 149 19.21 25.60 0.58
CA ALA B 149 20.55 25.11 0.87
C ALA B 149 21.11 24.28 -0.29
N ARG B 150 20.23 23.66 -1.08
CA ARG B 150 20.69 22.89 -2.22
C ARG B 150 21.25 23.77 -3.31
N ASN B 151 20.87 25.06 -3.31
CA ASN B 151 21.34 26.04 -4.27
C ASN B 151 22.34 27.00 -3.65
N VAL B 152 23.07 26.51 -2.65
CA VAL B 152 24.28 27.16 -2.18
C VAL B 152 25.42 26.16 -2.37
N LEU B 153 26.39 26.53 -3.20
CA LEU B 153 27.54 25.68 -3.50
C LEU B 153 28.71 26.01 -2.57
N VAL B 154 29.43 24.95 -2.17
CA VAL B 154 30.62 25.06 -1.33
C VAL B 154 31.83 25.18 -2.25
N LYS B 155 32.47 26.36 -2.28
CA LYS B 155 33.71 26.45 -3.07
C LYS B 155 34.87 25.89 -2.26
N THR B 156 35.06 26.39 -1.05
CA THR B 156 35.79 25.74 0.04
C THR B 156 34.90 25.71 1.27
N PRO B 157 35.28 24.97 2.31
CA PRO B 157 34.47 25.01 3.53
C PRO B 157 34.31 26.43 4.06
N GLN B 158 35.25 27.31 3.77
CA GLN B 158 35.18 28.68 4.27
C GLN B 158 34.48 29.64 3.31
N HIS B 159 34.02 29.17 2.16
CA HIS B 159 33.58 30.09 1.11
C HIS B 159 32.45 29.43 0.33
N VAL B 160 31.24 29.96 0.47
CA VAL B 160 30.07 29.41 -0.22
C VAL B 160 29.53 30.47 -1.16
N LYS B 161 28.83 30.00 -2.19
CA LYS B 161 28.32 30.83 -3.27
C LYS B 161 26.94 30.36 -3.71
N ILE B 162 26.04 31.32 -3.95
CA ILE B 162 24.66 31.05 -4.31
C ILE B 162 24.60 30.70 -5.79
N THR B 163 23.77 29.74 -6.17
CA THR B 163 23.81 29.28 -7.55
C THR B 163 22.40 29.20 -8.10
N ASP B 164 22.33 28.94 -9.42
CA ASP B 164 21.06 28.73 -10.11
C ASP B 164 20.16 29.95 -10.04
N PHE B 165 20.77 31.13 -10.08
CA PHE B 165 19.97 32.33 -10.13
C PHE B 165 19.40 32.47 -11.54
N GLY B 166 18.19 33.01 -11.63
CA GLY B 166 17.58 33.27 -12.90
C GLY B 166 17.07 32.03 -13.63
N LEU B 167 17.41 30.83 -13.18
CA LEU B 167 16.96 29.61 -13.83
C LEU B 167 15.47 29.39 -13.66
N ALA B 168 14.75 30.26 -12.94
CA ALA B 168 13.31 30.19 -12.83
C ALA B 168 12.59 30.68 -14.10
N LYS B 169 13.32 31.19 -15.11
CA LYS B 169 12.77 31.39 -16.44
C LYS B 169 12.20 30.10 -17.05
N LEU B 170 12.64 28.93 -16.60
CA LEU B 170 12.17 27.69 -17.21
C LEU B 170 10.78 27.31 -16.71
N VAL B 185 7.83 23.56 -8.66
CA VAL B 185 7.91 24.72 -7.78
C VAL B 185 8.25 24.30 -6.34
N PRO B 186 9.24 24.99 -5.74
CA PRO B 186 9.71 24.65 -4.37
C PRO B 186 8.82 25.19 -3.25
N ILE B 187 7.62 24.60 -3.13
CA ILE B 187 6.57 25.11 -2.25
C ILE B 187 7.11 25.43 -0.85
N LYS B 188 7.90 24.52 -0.29
CA LYS B 188 8.27 24.65 1.12
C LYS B 188 9.32 25.72 1.39
N TRP B 189 9.87 26.36 0.36
CA TRP B 189 10.78 27.47 0.55
C TRP B 189 10.17 28.81 0.16
N MET B 190 9.00 28.80 -0.47
CA MET B 190 8.40 29.99 -1.07
C MET B 190 7.64 30.77 -0.01
N ALA B 191 7.62 32.09 -0.18
CA ALA B 191 6.79 32.96 0.63
C ALA B 191 5.30 32.72 0.34
N LEU B 192 4.44 33.01 1.32
CA LEU B 192 3.02 32.74 1.15
C LEU B 192 2.48 33.42 -0.10
N GLU B 193 2.90 34.66 -0.35
CA GLU B 193 2.43 35.39 -1.53
C GLU B 193 2.91 34.79 -2.85
N SER B 194 4.04 34.08 -2.85
CA SER B 194 4.46 33.40 -4.07
C SER B 194 3.60 32.17 -4.32
N ILE B 195 3.28 31.42 -3.26
CA ILE B 195 2.35 30.30 -3.40
C ILE B 195 1.00 30.81 -3.88
N LEU B 196 0.45 31.83 -3.22
CA LEU B 196 -0.93 32.23 -3.49
C LEU B 196 -1.08 33.07 -4.76
N HIS B 197 -0.11 33.95 -5.06
CA HIS B 197 -0.35 34.95 -6.11
C HIS B 197 0.78 35.03 -7.12
N ARG B 198 1.77 34.13 -7.06
CA ARG B 198 2.93 34.13 -7.96
C ARG B 198 3.70 35.45 -7.90
N ILE B 199 3.81 36.01 -6.71
CA ILE B 199 4.55 37.26 -6.50
C ILE B 199 5.97 36.88 -6.07
N TYR B 200 6.96 37.33 -6.84
CA TYR B 200 8.35 37.11 -6.48
C TYR B 200 9.05 38.45 -6.38
N THR B 201 9.52 38.79 -5.18
CA THR B 201 10.25 40.03 -4.92
C THR B 201 11.54 39.71 -4.20
N HIS B 202 12.26 40.75 -3.78
CA HIS B 202 13.38 40.51 -2.88
C HIS B 202 12.87 40.08 -1.49
N GLN B 203 11.68 40.51 -1.11
CA GLN B 203 11.17 40.13 0.21
C GLN B 203 10.71 38.68 0.26
N SER B 204 10.24 38.11 -0.86
CA SER B 204 10.02 36.67 -0.89
C SER B 204 11.34 35.90 -0.90
N ASP B 205 12.38 36.43 -1.56
CA ASP B 205 13.70 35.81 -1.43
C ASP B 205 14.13 35.78 0.02
N VAL B 206 13.80 36.83 0.77
CA VAL B 206 14.09 36.86 2.20
C VAL B 206 13.43 35.68 2.92
N TRP B 207 12.18 35.36 2.56
CA TRP B 207 11.52 34.19 3.15
C TRP B 207 12.33 32.93 2.84
N SER B 208 12.72 32.77 1.58
CA SER B 208 13.51 31.61 1.16
C SER B 208 14.84 31.58 1.90
N TYR B 209 15.40 32.75 2.21
CA TYR B 209 16.61 32.83 3.05
C TYR B 209 16.36 32.30 4.45
N GLY B 210 15.23 32.66 5.05
CA GLY B 210 14.91 32.13 6.36
C GLY B 210 14.89 30.62 6.39
N VAL B 211 14.27 30.01 5.38
CA VAL B 211 14.22 28.54 5.32
C VAL B 211 15.62 27.97 5.13
N THR B 212 16.41 28.61 4.26
CA THR B 212 17.77 28.14 4.05
C THR B 212 18.54 28.12 5.37
N VAL B 213 18.43 29.19 6.16
CA VAL B 213 19.13 29.23 7.43
C VAL B 213 18.66 28.08 8.32
N TRP B 214 17.36 27.84 8.35
CA TRP B 214 16.83 26.73 9.16
C TRP B 214 17.42 25.40 8.70
N GLU B 215 17.53 25.20 7.39
CA GLU B 215 18.17 23.99 6.87
C GLU B 215 19.57 23.82 7.44
N LEU B 216 20.34 24.92 7.48
CA LEU B 216 21.72 24.82 7.97
C LEU B 216 21.73 24.53 9.47
N MET B 217 20.90 25.23 10.24
CA MET B 217 20.85 25.12 11.69
C MET B 217 20.27 23.80 12.18
N THR B 218 19.66 23.01 11.29
CA THR B 218 19.23 21.65 11.60
C THR B 218 20.17 20.64 10.98
N PHE B 219 21.25 21.10 10.36
CA PHE B 219 22.19 20.21 9.71
C PHE B 219 21.51 19.42 8.59
N GLY B 220 20.64 20.11 7.86
CA GLY B 220 20.08 19.60 6.61
C GLY B 220 18.73 18.95 6.69
N SER B 221 17.93 19.22 7.73
CA SER B 221 16.61 18.60 7.78
C SER B 221 15.73 19.09 6.63
N LYS B 222 14.76 18.28 6.32
CA LYS B 222 13.79 18.64 5.32
C LYS B 222 12.71 19.47 6.00
N PRO B 223 12.41 20.68 5.50
CA PRO B 223 11.43 21.52 6.19
C PRO B 223 10.02 20.97 6.03
N TYR B 224 9.23 21.05 7.11
CA TYR B 224 7.87 20.52 7.13
C TYR B 224 7.88 19.06 6.71
N ASP B 225 8.85 18.29 7.23
CA ASP B 225 9.03 16.91 6.78
C ASP B 225 7.75 16.13 7.02
N GLY B 226 7.30 15.43 5.99
CA GLY B 226 6.09 14.64 6.09
C GLY B 226 4.80 15.39 5.86
N ILE B 227 4.85 16.70 5.57
CA ILE B 227 3.67 17.50 5.26
C ILE B 227 3.53 17.60 3.74
N PRO B 228 2.39 17.24 3.16
CA PRO B 228 2.22 17.44 1.71
C PRO B 228 2.36 18.91 1.39
N ALA B 229 3.03 19.20 0.28
CA ALA B 229 3.19 20.60 -0.13
C ALA B 229 1.84 21.30 -0.28
N SER B 230 0.85 20.58 -0.80
CA SER B 230 -0.48 21.12 -1.05
C SER B 230 -1.16 21.67 0.20
N GLU B 231 -0.64 21.35 1.39
CA GLU B 231 -1.21 21.82 2.65
C GLU B 231 -0.38 22.94 3.26
N ILE B 232 0.72 23.32 2.61
CA ILE B 232 1.63 24.32 3.20
C ILE B 232 0.96 25.67 3.29
N SER B 233 0.22 26.09 2.26
CA SER B 233 -0.39 27.42 2.32
C SER B 233 -1.42 27.53 3.45
N SER B 234 -2.14 26.44 3.75
CA SER B 234 -3.12 26.48 4.85
C SER B 234 -2.42 26.60 6.19
N ILE B 235 -1.33 25.86 6.40
CA ILE B 235 -0.71 25.93 7.72
C ILE B 235 0.00 27.26 7.94
N LEU B 236 0.51 27.89 6.87
CA LEU B 236 1.12 29.20 7.02
C LEU B 236 0.07 30.24 7.38
N GLU B 237 -1.06 30.22 6.65
CA GLU B 237 -2.16 31.12 6.93
C GLU B 237 -2.67 30.94 8.36
N LYS B 238 -2.69 29.70 8.85
CA LYS B 238 -3.02 29.42 10.24
C LYS B 238 -1.90 29.83 11.19
N GLY B 239 -0.80 30.36 10.69
CA GLY B 239 0.25 30.90 11.53
C GLY B 239 1.29 29.90 12.01
N GLU B 240 1.24 28.67 11.53
CA GLU B 240 2.24 27.69 11.92
C GLU B 240 3.51 27.95 11.12
N ARG B 241 4.66 27.73 11.76
CA ARG B 241 5.96 27.96 11.12
C ARG B 241 6.89 26.83 11.51
N LEU B 242 8.03 26.81 10.85
CA LEU B 242 9.04 25.81 11.13
C LEU B 242 9.49 25.93 12.57
N PRO B 243 9.82 24.83 13.23
CA PRO B 243 10.15 24.87 14.66
C PRO B 243 11.58 25.34 14.90
N GLN B 244 11.84 25.76 16.12
CA GLN B 244 13.14 26.28 16.47
C GLN B 244 14.16 25.16 16.53
N PRO B 245 15.20 25.17 15.69
CA PRO B 245 16.22 24.13 15.74
C PRO B 245 16.84 24.06 17.11
N PRO B 246 17.16 22.85 17.57
CA PRO B 246 17.71 22.68 18.91
C PRO B 246 18.97 23.54 19.18
N ILE B 247 19.77 23.86 18.17
CA ILE B 247 20.99 24.60 18.46
C ILE B 247 20.78 26.11 18.50
N CYS B 248 19.62 26.60 18.07
CA CYS B 248 19.39 28.04 17.94
C CYS B 248 18.99 28.67 19.25
N THR B 249 19.73 29.67 19.70
CA THR B 249 19.18 30.49 20.76
C THR B 249 17.95 31.23 20.24
N ILE B 250 17.18 31.83 21.17
CA ILE B 250 15.99 32.57 20.77
C ILE B 250 16.37 33.72 19.84
N ASP B 251 17.56 34.30 20.02
CA ASP B 251 17.98 35.39 19.13
C ASP B 251 18.01 34.94 17.69
N VAL B 252 18.57 33.77 17.39
CA VAL B 252 18.65 33.33 16.01
C VAL B 252 17.26 32.95 15.50
N TYR B 253 16.46 32.30 16.33
CA TYR B 253 15.13 31.89 15.88
C TYR B 253 14.24 33.10 15.55
N MET B 254 14.34 34.18 16.33
CA MET B 254 13.51 35.35 16.05
C MET B 254 13.81 35.93 14.66
N ILE B 255 15.09 35.96 14.28
CA ILE B 255 15.45 36.43 12.96
C ILE B 255 14.78 35.58 11.90
N MET B 256 14.88 34.24 12.04
CA MET B 256 14.27 33.32 11.09
C MET B 256 12.77 33.54 10.99
N ARG B 257 12.13 33.73 12.15
CA ARG B 257 10.68 33.94 12.20
C ARG B 257 10.29 35.26 11.55
N LYS B 258 11.12 36.29 11.69
CA LYS B 258 10.79 37.54 11.05
C LYS B 258 10.87 37.40 9.53
N CYS B 259 11.70 36.48 9.02
CA CYS B 259 11.71 36.24 7.57
C CYS B 259 10.40 35.65 7.07
N TRP B 260 9.58 35.13 7.96
CA TRP B 260 8.39 34.39 7.56
C TRP B 260 7.13 35.15 7.91
N MET B 261 7.23 36.47 8.06
CA MET B 261 6.04 37.25 8.28
C MET B 261 5.25 37.34 6.99
N ILE B 262 3.91 37.37 7.14
CA ILE B 262 3.02 37.45 6.01
C ILE B 262 3.14 38.82 5.31
N ASP B 263 3.38 39.90 6.07
CA ASP B 263 3.63 41.21 5.46
C ASP B 263 5.07 41.28 4.98
N ALA B 264 5.25 41.30 3.65
CA ALA B 264 6.58 41.18 3.04
C ALA B 264 7.48 42.33 3.48
N ASP B 265 6.89 43.52 3.65
CA ASP B 265 7.64 44.71 4.03
C ASP B 265 8.02 44.71 5.50
N SER B 266 7.47 43.81 6.32
CA SER B 266 7.88 43.65 7.71
C SER B 266 9.04 42.71 7.90
N ARG B 267 9.37 41.92 6.88
CA ARG B 267 10.49 41.01 6.99
C ARG B 267 11.78 41.81 6.95
N PRO B 268 12.85 41.30 7.56
CA PRO B 268 14.14 42.00 7.50
C PRO B 268 14.64 42.16 6.06
N LYS B 269 15.54 43.12 5.88
CA LYS B 269 16.25 43.34 4.62
C LYS B 269 17.54 42.53 4.61
N PHE B 270 18.01 42.18 3.42
CA PHE B 270 19.24 41.39 3.36
C PHE B 270 20.41 42.13 4.00
N ARG B 271 20.47 43.46 3.86
CA ARG B 271 21.54 44.19 4.53
C ARG B 271 21.47 44.06 6.05
N GLU B 272 20.28 44.14 6.61
CA GLU B 272 20.14 43.90 8.04
C GLU B 272 20.58 42.49 8.39
N LEU B 273 20.28 41.54 7.51
CA LEU B 273 20.66 40.15 7.76
C LEU B 273 22.18 40.00 7.79
N ILE B 274 22.90 40.65 6.85
CA ILE B 274 24.38 40.61 6.88
C ILE B 274 24.88 41.16 8.21
N ILE B 275 24.38 42.34 8.59
CA ILE B 275 24.85 43.02 9.80
C ILE B 275 24.55 42.16 11.02
N GLU B 276 23.35 41.63 11.08
CA GLU B 276 22.96 40.92 12.28
C GLU B 276 23.73 39.61 12.41
N PHE B 277 23.88 38.87 11.31
CA PHE B 277 24.62 37.62 11.39
C PHE B 277 26.12 37.86 11.55
N SER B 278 26.64 38.97 11.02
CA SER B 278 28.03 39.32 11.27
C SER B 278 28.26 39.56 12.77
N LYS B 279 27.36 40.31 13.40
CA LYS B 279 27.43 40.54 14.84
C LYS B 279 27.53 39.22 15.59
N MET B 280 26.66 38.27 15.24
CA MET B 280 26.65 36.97 15.90
C MET B 280 27.91 36.17 15.61
N ALA B 281 28.42 36.24 14.37
CA ALA B 281 29.64 35.53 14.00
C ALA B 281 30.84 35.95 14.84
N ARG B 282 30.80 37.14 15.43
CA ARG B 282 31.86 37.61 16.32
C ARG B 282 31.82 36.97 17.69
N ASP B 283 30.71 36.36 18.09
CA ASP B 283 30.62 35.66 19.37
C ASP B 283 29.74 34.42 19.19
N PRO B 284 30.18 33.47 18.34
CA PRO B 284 29.25 32.42 17.86
C PRO B 284 28.66 31.52 18.92
N GLN B 285 29.40 31.21 19.99
CA GLN B 285 28.86 30.31 21.00
C GLN B 285 27.78 30.97 21.85
N ARG B 286 27.67 32.31 21.80
CA ARG B 286 26.59 33.00 22.51
C ARG B 286 25.26 32.82 21.80
N TYR B 287 25.28 32.56 20.50
CA TYR B 287 24.08 32.52 19.67
C TYR B 287 23.71 31.13 19.17
N LEU B 288 24.66 30.20 19.14
CA LEU B 288 24.39 28.80 18.77
C LEU B 288 24.93 27.91 19.86
N VAL B 289 24.11 26.94 20.29
CA VAL B 289 24.47 26.03 21.35
C VAL B 289 24.62 24.64 20.73
N ILE B 290 25.88 24.22 20.60
CA ILE B 290 26.22 22.94 19.98
C ILE B 290 27.05 22.20 21.01
N GLN B 291 26.69 20.95 21.27
CA GLN B 291 27.43 20.18 22.26
C GLN B 291 28.81 19.87 21.69
N GLY B 292 29.86 20.27 22.38
CA GLY B 292 31.18 20.00 21.86
C GLY B 292 31.63 21.01 20.83
N ASP B 293 30.99 22.17 20.77
CA ASP B 293 31.31 23.16 19.75
C ASP B 293 32.80 23.53 19.80
N GLU B 294 33.42 23.42 20.98
CA GLU B 294 34.83 23.73 21.15
C GLU B 294 35.74 22.69 20.48
N ARG B 295 35.18 21.56 20.03
CA ARG B 295 35.86 20.42 19.39
C ARG B 295 37.31 20.19 19.85
N PRO B 299 38.80 25.27 10.62
CA PRO B 299 38.76 26.72 10.87
C PRO B 299 40.16 27.36 10.96
N SER B 300 41.20 26.56 10.71
CA SER B 300 42.57 27.03 10.79
C SER B 300 42.84 28.16 9.80
N PRO B 301 43.66 29.16 10.17
CA PRO B 301 44.12 30.14 9.16
C PRO B 301 44.93 29.45 8.10
N THR B 302 45.82 28.58 8.55
CA THR B 302 46.67 27.76 7.69
C THR B 302 45.83 26.97 6.71
N ASP B 303 44.74 26.37 7.21
CA ASP B 303 43.86 25.58 6.35
C ASP B 303 43.09 26.48 5.40
N SER B 304 42.73 27.69 5.86
CA SER B 304 42.08 28.68 5.00
C SER B 304 43.02 29.14 3.91
N ASN B 305 44.25 29.46 4.28
CA ASN B 305 45.23 29.93 3.32
C ASN B 305 45.54 28.87 2.28
N PHE B 306 45.71 27.62 2.71
CA PHE B 306 46.01 26.55 1.77
C PHE B 306 44.88 26.40 0.76
N TYR B 307 43.64 26.41 1.25
CA TYR B 307 42.46 26.36 0.37
C TYR B 307 42.45 27.52 -0.61
N ARG B 308 42.73 28.73 -0.15
CA ARG B 308 42.64 29.84 -1.08
C ARG B 308 43.72 29.74 -2.14
N ALA B 309 44.94 29.41 -1.71
CA ALA B 309 46.06 29.35 -2.62
C ALA B 309 45.92 28.23 -3.66
N LEU B 310 45.23 27.14 -3.33
CA LEU B 310 44.99 26.08 -4.32
C LEU B 310 43.73 26.27 -5.16
N MET B 311 42.61 26.54 -4.51
CA MET B 311 41.30 26.37 -5.12
C MET B 311 40.47 27.64 -5.17
N ASP B 312 40.93 28.73 -4.55
CA ASP B 312 39.98 29.82 -4.35
C ASP B 312 40.77 31.13 -4.31
N GLU B 313 41.11 31.59 -5.50
CA GLU B 313 41.95 32.76 -5.70
C GLU B 313 41.16 34.03 -5.93
N GLU B 314 39.83 33.98 -5.83
CA GLU B 314 39.04 35.18 -6.09
C GLU B 314 39.11 36.16 -4.92
N ASP B 315 38.79 37.43 -5.22
CA ASP B 315 39.09 38.54 -4.33
C ASP B 315 38.56 38.37 -2.92
N MET B 316 37.29 38.05 -2.76
CA MET B 316 36.84 37.58 -1.47
C MET B 316 36.02 36.30 -1.60
N ALA C 11 25.95 11.83 -37.75
CA ALA C 11 27.26 11.21 -37.61
C ALA C 11 27.30 10.22 -36.45
N LEU C 12 26.22 10.15 -35.68
CA LEU C 12 26.13 9.15 -34.65
C LEU C 12 25.46 7.87 -35.14
N LEU C 13 24.79 7.90 -36.29
CA LEU C 13 24.14 6.74 -36.89
C LEU C 13 24.84 6.38 -38.19
N ARG C 14 25.44 5.21 -38.21
CA ARG C 14 26.12 4.71 -39.40
C ARG C 14 25.15 3.93 -40.27
N ILE C 15 25.10 4.27 -41.55
CA ILE C 15 24.29 3.55 -42.52
C ILE C 15 25.10 2.38 -43.06
N LEU C 16 24.64 1.17 -42.80
CA LEU C 16 25.35 -0.03 -43.22
C LEU C 16 24.76 -0.60 -44.51
N LYS C 17 25.63 -1.21 -45.31
CA LYS C 17 25.21 -2.02 -46.46
C LYS C 17 25.01 -3.46 -46.03
N GLU C 18 24.09 -4.14 -46.72
CA GLU C 18 23.92 -5.57 -46.48
C GLU C 18 25.24 -6.31 -46.52
N THR C 19 26.11 -5.96 -47.48
CA THR C 19 27.30 -6.76 -47.70
C THR C 19 28.33 -6.63 -46.57
N GLU C 20 28.13 -5.73 -45.59
CA GLU C 20 29.15 -5.53 -44.57
C GLU C 20 28.76 -6.08 -43.19
N PHE C 21 27.68 -6.86 -43.10
CA PHE C 21 27.38 -7.56 -41.87
C PHE C 21 26.57 -8.81 -42.20
N LYS C 22 26.64 -9.80 -41.33
CA LYS C 22 25.95 -11.07 -41.49
C LYS C 22 25.35 -11.50 -40.16
N LYS C 23 24.07 -11.88 -40.15
CA LYS C 23 23.45 -12.50 -38.98
C LYS C 23 23.81 -13.97 -38.91
N ILE C 24 24.13 -14.47 -37.71
CA ILE C 24 24.63 -15.84 -37.62
C ILE C 24 23.75 -16.72 -36.73
N LYS C 25 23.07 -16.13 -35.75
CA LYS C 25 22.33 -16.92 -34.77
C LYS C 25 21.24 -16.06 -34.18
N VAL C 26 20.04 -16.64 -34.01
CA VAL C 26 18.92 -15.93 -33.39
C VAL C 26 19.07 -15.93 -31.87
N LEU C 27 18.97 -14.75 -31.26
CA LEU C 27 19.08 -14.64 -29.81
C LEU C 27 17.72 -14.56 -29.13
N GLY C 28 16.70 -14.19 -29.86
CA GLY C 28 15.38 -14.05 -29.30
C GLY C 28 14.57 -13.07 -30.12
N SER C 29 13.31 -13.00 -29.77
CA SER C 29 12.36 -12.13 -30.43
C SER C 29 11.41 -11.61 -29.37
N GLY C 30 10.87 -10.43 -29.63
CA GLY C 30 9.93 -9.77 -28.75
C GLY C 30 8.83 -9.16 -29.59
N ALA C 31 8.15 -8.17 -29.01
CA ALA C 31 6.99 -7.65 -29.74
C ALA C 31 7.35 -6.84 -30.98
N PHE C 32 8.63 -6.51 -31.22
CA PHE C 32 8.94 -5.68 -32.38
C PHE C 32 9.92 -6.31 -33.36
N GLY C 33 10.58 -7.40 -33.01
CA GLY C 33 11.52 -7.99 -33.94
C GLY C 33 12.20 -9.19 -33.36
N THR C 34 13.19 -9.66 -34.11
CA THR C 34 14.08 -10.75 -33.73
C THR C 34 15.48 -10.18 -33.53
N VAL C 35 16.14 -10.57 -32.45
CA VAL C 35 17.49 -10.11 -32.20
C VAL C 35 18.43 -11.26 -32.58
N TYR C 36 19.46 -10.95 -33.37
CA TYR C 36 20.46 -11.90 -33.84
C TYR C 36 21.82 -11.50 -33.29
N LYS C 37 22.61 -12.50 -32.93
CA LYS C 37 24.04 -12.28 -32.86
C LYS C 37 24.55 -12.24 -34.29
N GLY C 38 25.31 -11.21 -34.63
CA GLY C 38 25.81 -11.02 -35.98
C GLY C 38 27.29 -10.65 -35.95
N LEU C 39 27.82 -10.44 -37.14
CA LEU C 39 29.23 -10.06 -37.32
C LEU C 39 29.30 -8.88 -38.27
N TRP C 40 30.04 -7.84 -37.88
CA TRP C 40 30.34 -6.73 -38.77
C TRP C 40 31.69 -6.96 -39.42
N ILE C 41 31.75 -6.83 -40.74
CA ILE C 41 32.97 -7.01 -41.51
C ILE C 41 33.32 -5.68 -42.20
N PRO C 42 34.22 -4.90 -41.61
CA PRO C 42 34.59 -3.62 -42.23
C PRO C 42 35.11 -3.81 -43.64
N GLU C 43 34.67 -2.92 -44.53
CA GLU C 43 35.12 -2.94 -45.92
C GLU C 43 36.65 -2.87 -45.96
N GLY C 44 37.25 -3.76 -46.75
CA GLY C 44 38.70 -3.77 -46.89
C GLY C 44 39.45 -4.30 -45.71
N GLU C 45 38.78 -4.86 -44.71
CA GLU C 45 39.46 -5.46 -43.58
C GLU C 45 39.20 -6.96 -43.57
N LYS C 46 39.88 -7.66 -42.67
CA LYS C 46 39.77 -9.12 -42.55
C LYS C 46 39.11 -9.56 -41.26
N VAL C 47 38.69 -8.63 -40.42
CA VAL C 47 38.15 -8.97 -39.11
C VAL C 47 36.64 -9.13 -39.18
N LYS C 48 36.09 -9.82 -38.18
CA LYS C 48 34.65 -10.01 -38.02
C LYS C 48 34.29 -9.62 -36.58
N ILE C 49 33.55 -8.53 -36.43
CA ILE C 49 33.26 -7.94 -35.12
C ILE C 49 31.84 -8.32 -34.72
N PRO C 50 31.66 -8.99 -33.59
CA PRO C 50 30.29 -9.34 -33.18
C PRO C 50 29.46 -8.10 -32.88
N VAL C 51 28.24 -8.07 -33.41
CA VAL C 51 27.24 -7.06 -33.11
C VAL C 51 25.94 -7.77 -32.74
N ALA C 52 24.97 -6.97 -32.31
CA ALA C 52 23.59 -7.42 -32.21
C ALA C 52 22.77 -6.69 -33.26
N ILE C 53 21.99 -7.45 -34.02
CA ILE C 53 21.14 -6.92 -35.08
C ILE C 53 19.71 -7.23 -34.70
N LYS C 54 18.86 -6.22 -34.71
CA LYS C 54 17.44 -6.43 -34.47
C LYS C 54 16.72 -6.20 -35.80
N GLU C 55 16.18 -7.27 -36.37
CA GLU C 55 15.38 -7.18 -37.58
C GLU C 55 13.92 -7.03 -37.17
N LEU C 56 13.35 -5.89 -37.49
CA LEU C 56 11.97 -5.54 -37.14
C LEU C 56 10.95 -6.04 -38.18
N ARG C 57 9.69 -5.68 -37.95
CA ARG C 57 8.62 -5.91 -38.90
C ARG C 57 7.44 -5.03 -38.53
N GLU C 58 6.96 -4.20 -39.46
CA GLU C 58 5.72 -3.45 -39.25
C GLU C 58 5.02 -3.18 -40.56
N ALA C 64 8.00 5.64 -44.14
CA ALA C 64 9.03 6.20 -45.00
C ALA C 64 10.41 5.98 -44.38
N ASN C 65 11.42 5.74 -45.20
CA ASN C 65 12.76 5.48 -44.65
C ASN C 65 13.31 6.70 -43.94
N LYS C 66 13.03 7.90 -44.45
CA LYS C 66 13.59 9.09 -43.82
C LYS C 66 13.01 9.27 -42.42
N GLU C 67 11.70 9.04 -42.25
CA GLU C 67 11.09 8.99 -40.92
C GLU C 67 11.81 8.00 -40.02
N ILE C 68 11.97 6.76 -40.48
CA ILE C 68 12.64 5.77 -39.66
C ILE C 68 14.00 6.28 -39.26
N LEU C 69 14.71 6.88 -40.21
CA LEU C 69 16.04 7.43 -39.97
C LEU C 69 15.98 8.51 -38.92
N ASP C 70 15.01 9.42 -39.07
CA ASP C 70 14.84 10.52 -38.13
C ASP C 70 14.68 10.02 -36.71
N GLU C 71 13.80 9.06 -36.49
CA GLU C 71 13.76 8.52 -35.12
C GLU C 71 15.02 7.74 -34.82
N ALA C 72 15.59 7.06 -35.82
CA ALA C 72 16.80 6.29 -35.56
C ALA C 72 17.94 7.20 -35.10
N TYR C 73 18.01 8.40 -35.67
CA TYR C 73 19.00 9.39 -35.26
C TYR C 73 18.83 9.76 -33.80
N VAL C 74 17.58 9.87 -33.32
CA VAL C 74 17.36 10.17 -31.90
C VAL C 74 17.94 9.06 -31.03
N MET C 75 17.71 7.80 -31.41
CA MET C 75 18.21 6.68 -30.64
C MET C 75 19.73 6.55 -30.71
N ALA C 76 20.35 7.06 -31.78
CA ALA C 76 21.81 7.09 -31.86
C ALA C 76 22.41 8.20 -31.01
N SER C 77 21.60 9.11 -30.51
CA SER C 77 22.10 10.31 -29.86
C SER C 77 22.11 10.22 -28.34
N VAL C 78 21.73 9.08 -27.76
CA VAL C 78 21.70 9.00 -26.31
C VAL C 78 23.12 8.77 -25.82
N ASP C 79 23.50 9.50 -24.76
CA ASP C 79 24.85 9.44 -24.22
C ASP C 79 24.73 9.34 -22.71
N ASN C 80 24.70 8.10 -22.20
CA ASN C 80 24.63 7.86 -20.78
C ASN C 80 25.10 6.44 -20.54
N PRO C 81 25.90 6.20 -19.50
CA PRO C 81 26.44 4.85 -19.27
C PRO C 81 25.38 3.78 -19.02
N HIS C 82 24.12 4.13 -18.78
CA HIS C 82 23.09 3.15 -18.46
C HIS C 82 21.96 3.14 -19.45
N VAL C 83 22.24 3.60 -20.67
CA VAL C 83 21.30 3.61 -21.79
C VAL C 83 22.06 3.15 -23.03
N CYS C 84 21.54 2.10 -23.67
CA CYS C 84 22.13 1.58 -24.90
C CYS C 84 21.86 2.52 -26.06
N ARG C 85 22.88 2.75 -26.87
CA ARG C 85 22.79 3.65 -27.99
C ARG C 85 22.59 2.84 -29.26
N LEU C 86 21.73 3.34 -30.15
CA LEU C 86 21.62 2.76 -31.48
C LEU C 86 22.85 3.18 -32.29
N LEU C 87 23.54 2.22 -32.90
CA LEU C 87 24.83 2.49 -33.55
C LEU C 87 24.74 2.62 -35.06
N GLY C 88 24.03 1.71 -35.71
CA GLY C 88 23.91 1.72 -37.16
C GLY C 88 22.55 1.21 -37.59
N ILE C 89 22.27 1.37 -38.88
CA ILE C 89 20.98 0.96 -39.39
C ILE C 89 21.16 0.55 -40.84
N CYS C 90 20.39 -0.45 -41.26
CA CYS C 90 20.37 -0.84 -42.65
C CYS C 90 18.91 -0.89 -43.06
N LEU C 91 18.53 0.01 -43.98
CA LEU C 91 17.15 0.21 -44.40
C LEU C 91 16.84 -0.35 -45.78
N THR C 92 17.69 -1.20 -46.33
CA THR C 92 17.53 -1.57 -47.74
C THR C 92 16.31 -2.45 -47.95
N SER C 93 16.19 -3.51 -47.13
CA SER C 93 15.04 -4.37 -47.21
C SER C 93 14.17 -4.13 -45.97
N THR C 94 14.21 -5.10 -45.05
CA THR C 94 13.66 -4.90 -43.71
C THR C 94 14.51 -3.87 -43.01
N VAL C 95 13.97 -3.28 -41.95
CA VAL C 95 14.76 -2.35 -41.17
C VAL C 95 15.59 -3.18 -40.22
N GLN C 96 16.91 -3.05 -40.31
CA GLN C 96 17.82 -3.77 -39.42
C GLN C 96 18.62 -2.76 -38.61
N LEU C 97 18.60 -2.95 -37.30
CA LEU C 97 19.23 -2.04 -36.37
C LEU C 97 20.42 -2.71 -35.72
N ILE C 98 21.52 -1.98 -35.65
CA ILE C 98 22.77 -2.55 -35.19
C ILE C 98 23.16 -1.85 -33.90
N MET C 99 23.45 -2.65 -32.87
CA MET C 99 23.90 -2.14 -31.59
C MET C 99 24.94 -3.11 -31.05
N GLN C 100 25.55 -2.72 -29.93
CA GLN C 100 26.57 -3.54 -29.30
C GLN C 100 25.98 -4.85 -28.80
N LEU C 101 26.74 -5.94 -28.95
CA LEU C 101 26.29 -7.25 -28.53
C LEU C 101 26.65 -7.44 -27.06
N MET C 102 25.64 -7.77 -26.24
CA MET C 102 25.82 -7.98 -24.80
C MET C 102 25.82 -9.46 -24.47
N PRO C 103 27.00 -10.11 -24.40
CA PRO C 103 27.00 -11.58 -24.26
C PRO C 103 26.31 -12.06 -22.99
N PHE C 104 26.14 -11.23 -21.97
CA PHE C 104 25.41 -11.64 -20.78
C PHE C 104 23.90 -11.67 -20.97
N GLY C 105 23.37 -11.00 -21.98
CA GLY C 105 21.95 -11.02 -22.18
C GLY C 105 21.23 -10.02 -21.31
N CYS C 106 19.91 -10.25 -21.14
CA CYS C 106 19.07 -9.30 -20.41
C CYS C 106 19.08 -9.62 -18.93
N LEU C 107 18.68 -8.62 -18.12
CA LEU C 107 18.73 -8.73 -16.67
C LEU C 107 17.68 -9.69 -16.14
N LEU C 108 16.56 -9.84 -16.83
CA LEU C 108 15.55 -10.81 -16.40
C LEU C 108 16.14 -12.22 -16.38
N ASP C 109 16.77 -12.62 -17.50
CA ASP C 109 17.36 -13.95 -17.58
C ASP C 109 18.51 -14.08 -16.60
N TYR C 110 19.30 -13.04 -16.44
CA TYR C 110 20.43 -13.11 -15.52
C TYR C 110 19.95 -13.34 -14.08
N VAL C 111 18.90 -12.65 -13.67
CA VAL C 111 18.44 -12.81 -12.30
C VAL C 111 17.87 -14.20 -12.07
N ARG C 112 17.19 -14.77 -13.07
CA ARG C 112 16.69 -16.14 -12.96
C ARG C 112 17.83 -17.13 -12.86
N GLU C 113 18.85 -16.97 -13.71
CA GLU C 113 19.93 -17.93 -13.76
C GLU C 113 20.82 -17.83 -12.52
N HIS C 114 20.94 -16.64 -11.91
CA HIS C 114 21.75 -16.51 -10.72
C HIS C 114 20.93 -16.31 -9.45
N LYS C 115 19.68 -16.81 -9.41
CA LYS C 115 18.79 -16.47 -8.30
C LYS C 115 19.28 -16.96 -6.93
N ASP C 116 20.35 -17.73 -6.88
CA ASP C 116 21.00 -18.07 -5.62
C ASP C 116 22.29 -17.31 -5.35
N ASN C 117 22.80 -16.54 -6.31
CA ASN C 117 24.04 -15.83 -6.09
C ASN C 117 23.88 -14.33 -6.04
N ILE C 118 22.66 -13.78 -6.08
CA ILE C 118 22.50 -12.34 -6.21
C ILE C 118 22.27 -11.76 -4.82
N GLY C 119 23.21 -10.95 -4.36
CA GLY C 119 23.13 -10.32 -3.06
C GLY C 119 22.56 -8.91 -3.15
N SER C 120 22.32 -8.32 -1.97
CA SER C 120 21.65 -7.02 -1.91
C SER C 120 22.43 -5.93 -2.61
N GLN C 121 23.77 -5.99 -2.57
CA GLN C 121 24.57 -4.92 -3.16
C GLN C 121 24.38 -4.88 -4.67
N TYR C 122 24.29 -6.05 -5.30
CA TYR C 122 24.01 -6.08 -6.73
C TYR C 122 22.60 -5.60 -7.00
N LEU C 123 21.61 -6.16 -6.29
CA LEU C 123 20.21 -5.80 -6.51
C LEU C 123 19.98 -4.30 -6.34
N LEU C 124 20.42 -3.74 -5.22
CA LEU C 124 20.16 -2.32 -5.00
C LEU C 124 20.89 -1.45 -6.02
N ASN C 125 22.11 -1.83 -6.41
CA ASN C 125 22.80 -1.02 -7.41
C ASN C 125 22.17 -1.11 -8.78
N TRP C 126 21.62 -2.28 -9.15
CA TRP C 126 20.88 -2.32 -10.41
C TRP C 126 19.71 -1.33 -10.40
N CYS C 127 18.99 -1.23 -9.28
CA CYS C 127 17.88 -0.28 -9.23
C CYS C 127 18.37 1.14 -9.42
N VAL C 128 19.53 1.46 -8.87
CA VAL C 128 20.14 2.77 -9.07
C VAL C 128 20.40 3.01 -10.55
N GLN C 129 21.04 2.04 -11.20
CA GLN C 129 21.50 2.24 -12.57
C GLN C 129 20.31 2.36 -13.53
N ILE C 130 19.29 1.52 -13.33
CA ILE C 130 18.09 1.59 -14.17
C ILE C 130 17.42 2.94 -14.02
N ALA C 131 17.39 3.47 -12.81
CA ALA C 131 16.82 4.81 -12.61
C ALA C 131 17.65 5.89 -13.28
N LYS C 132 18.98 5.81 -13.17
CA LYS C 132 19.87 6.75 -13.86
C LYS C 132 19.59 6.79 -15.35
N GLY C 133 19.52 5.62 -15.98
CA GLY C 133 19.21 5.60 -17.40
C GLY C 133 17.85 6.18 -17.72
N MET C 134 16.83 5.82 -16.92
CA MET C 134 15.48 6.34 -17.12
C MET C 134 15.44 7.84 -16.86
N ASN C 135 16.18 8.30 -15.84
CA ASN C 135 16.22 9.74 -15.59
C ASN C 135 16.81 10.46 -16.78
N TYR C 136 17.85 9.89 -17.39
CA TYR C 136 18.43 10.49 -18.58
C TYR C 136 17.42 10.55 -19.71
N LEU C 137 16.74 9.42 -19.97
CA LEU C 137 15.69 9.45 -20.99
C LEU C 137 14.67 10.54 -20.67
N GLU C 138 14.32 10.70 -19.39
CA GLU C 138 13.40 11.78 -19.07
C GLU C 138 14.01 13.13 -19.41
N ASP C 139 15.28 13.36 -19.11
CA ASP C 139 15.93 14.63 -19.47
C ASP C 139 15.81 14.84 -20.98
N ARG C 140 15.95 13.77 -21.75
CA ARG C 140 15.84 13.92 -23.19
C ARG C 140 14.39 13.93 -23.66
N ARG C 141 13.43 13.79 -22.73
CA ARG C 141 12.01 13.67 -23.05
C ARG C 141 11.72 12.51 -24.00
N LEU C 142 12.33 11.37 -23.71
CA LEU C 142 12.07 10.15 -24.45
C LEU C 142 11.31 9.23 -23.51
N VAL C 143 10.11 8.84 -23.90
CA VAL C 143 9.30 7.91 -23.11
C VAL C 143 9.65 6.50 -23.58
N HIS C 144 9.94 5.61 -22.63
CA HIS C 144 10.38 4.28 -23.01
C HIS C 144 9.25 3.51 -23.66
N ARG C 145 8.17 3.29 -22.90
CA ARG C 145 6.92 2.62 -23.21
C ARG C 145 7.04 1.12 -23.05
N ASP C 146 8.24 0.57 -22.80
CA ASP C 146 8.37 -0.88 -22.70
C ASP C 146 9.49 -1.24 -21.73
N LEU C 147 9.61 -0.49 -20.65
CA LEU C 147 10.54 -0.85 -19.60
C LEU C 147 10.06 -2.13 -18.91
N ALA C 148 11.00 -3.00 -18.57
CA ALA C 148 10.82 -4.33 -18.02
C ALA C 148 12.21 -4.91 -17.91
N ALA C 149 12.38 -5.87 -17.00
CA ALA C 149 13.70 -6.47 -16.79
C ALA C 149 14.26 -7.09 -18.07
N ARG C 150 13.39 -7.48 -19.01
CA ARG C 150 13.85 -8.01 -20.28
C ARG C 150 14.46 -6.91 -21.15
N ASN C 151 14.20 -5.65 -20.83
CA ASN C 151 14.74 -4.53 -21.59
C ASN C 151 15.83 -3.81 -20.83
N VAL C 152 16.51 -4.52 -19.93
CA VAL C 152 17.74 -4.07 -19.30
C VAL C 152 18.81 -5.09 -19.65
N LEU C 153 19.84 -4.64 -20.36
CA LEU C 153 20.93 -5.51 -20.79
C LEU C 153 22.03 -5.50 -19.75
N VAL C 154 22.63 -6.66 -19.54
CA VAL C 154 23.77 -6.78 -18.63
C VAL C 154 25.03 -6.61 -19.45
N LYS C 155 25.74 -5.49 -19.22
CA LYS C 155 27.03 -5.32 -19.90
C LYS C 155 28.12 -6.11 -19.19
N THR C 156 28.26 -5.88 -17.89
CA THR C 156 28.88 -6.78 -16.93
C THR C 156 27.86 -6.95 -15.81
N PRO C 157 28.05 -7.96 -14.92
CA PRO C 157 27.13 -8.09 -13.79
C PRO C 157 27.06 -6.80 -12.99
N GLN C 158 28.10 -5.99 -13.08
CA GLN C 158 28.18 -4.73 -12.35
C GLN C 158 27.62 -3.56 -13.11
N HIS C 159 27.16 -3.75 -14.34
CA HIS C 159 26.85 -2.60 -15.18
C HIS C 159 25.71 -2.98 -16.11
N VAL C 160 24.54 -2.37 -15.90
CA VAL C 160 23.35 -2.67 -16.68
C VAL C 160 22.93 -1.40 -17.43
N LYS C 161 22.20 -1.62 -18.52
CA LYS C 161 21.82 -0.52 -19.41
C LYS C 161 20.43 -0.78 -19.99
N ILE C 162 19.67 0.28 -20.10
CA ILE C 162 18.32 0.22 -20.63
C ILE C 162 18.41 0.16 -22.15
N THR C 163 17.57 -0.68 -22.76
CA THR C 163 17.58 -0.86 -24.20
C THR C 163 16.14 -0.79 -24.69
N ASP C 164 16.00 -0.69 -26.00
CA ASP C 164 14.72 -0.76 -26.67
C ASP C 164 13.80 0.33 -26.18
N PHE C 165 14.36 1.48 -25.84
CA PHE C 165 13.48 2.58 -25.53
C PHE C 165 13.09 3.14 -26.88
N GLY C 166 11.85 3.59 -27.01
CA GLY C 166 11.53 4.14 -28.29
C GLY C 166 11.55 3.05 -29.35
N LEU C 167 10.57 2.19 -29.38
CA LEU C 167 10.47 1.23 -30.45
C LEU C 167 9.05 1.28 -30.98
N ALA C 168 8.23 2.18 -30.40
CA ALA C 168 6.90 2.59 -30.81
C ALA C 168 6.72 2.64 -32.32
N LYS C 169 7.72 3.17 -33.03
CA LYS C 169 7.75 3.17 -34.48
C LYS C 169 7.24 1.84 -35.11
N VAL C 185 1.12 -6.14 -26.39
CA VAL C 185 1.43 -5.03 -25.49
C VAL C 185 1.73 -5.60 -24.11
N PRO C 186 2.74 -5.05 -23.44
CA PRO C 186 3.11 -5.57 -22.10
C PRO C 186 2.16 -5.09 -21.01
N ILE C 187 0.91 -5.57 -21.09
CA ILE C 187 -0.16 -5.08 -20.20
C ILE C 187 0.31 -5.06 -18.75
N LYS C 188 1.02 -6.10 -18.33
CA LYS C 188 1.38 -6.29 -16.93
C LYS C 188 2.50 -5.38 -16.44
N TRP C 189 3.11 -4.58 -17.31
CA TRP C 189 4.10 -3.57 -16.93
C TRP C 189 3.58 -2.16 -17.07
N MET C 190 2.41 -1.97 -17.69
CA MET C 190 1.90 -0.67 -18.06
C MET C 190 1.15 -0.01 -16.92
N ALA C 191 1.26 1.32 -16.84
CA ALA C 191 0.45 2.09 -15.90
C ALA C 191 -1.03 2.00 -16.28
N LEU C 192 -1.91 2.13 -15.28
CA LEU C 192 -3.34 1.99 -15.53
C LEU C 192 -3.81 2.94 -16.62
N GLU C 193 -3.37 4.20 -16.59
CA GLU C 193 -3.78 5.17 -17.59
C GLU C 193 -3.28 4.80 -18.99
N SER C 194 -2.22 3.99 -19.08
CA SER C 194 -1.77 3.51 -20.39
C SER C 194 -2.71 2.43 -20.93
N ILE C 195 -3.11 1.51 -20.07
CA ILE C 195 -4.09 0.49 -20.43
C ILE C 195 -5.41 1.11 -20.81
N LEU C 196 -5.94 2.00 -19.97
CA LEU C 196 -7.30 2.49 -20.20
C LEU C 196 -7.35 3.53 -21.31
N HIS C 197 -6.32 4.38 -21.43
CA HIS C 197 -6.46 5.57 -22.26
C HIS C 197 -5.29 5.75 -23.22
N ARG C 198 -4.35 4.80 -23.29
CA ARG C 198 -3.17 4.89 -24.15
C ARG C 198 -2.30 6.13 -23.83
N ILE C 199 -2.20 6.48 -22.55
CA ILE C 199 -1.36 7.58 -22.12
C ILE C 199 0.02 7.04 -21.76
N TYR C 200 1.06 7.56 -22.41
CA TYR C 200 2.43 7.18 -22.09
C TYR C 200 3.22 8.42 -21.72
N THR C 201 3.66 8.48 -20.46
CA THR C 201 4.47 9.59 -19.96
C THR C 201 5.69 9.00 -19.30
N HIS C 202 6.54 9.89 -18.76
CA HIS C 202 7.63 9.44 -17.91
C HIS C 202 7.09 8.88 -16.60
N GLN C 203 5.94 9.39 -16.16
CA GLN C 203 5.37 8.87 -14.92
C GLN C 203 4.76 7.47 -15.12
N SER C 204 4.26 7.16 -16.32
CA SER C 204 3.91 5.74 -16.58
C SER C 204 5.17 4.88 -16.72
N ASP C 205 6.28 5.43 -17.21
CA ASP C 205 7.52 4.68 -17.15
C ASP C 205 7.89 4.34 -15.71
N VAL C 206 7.57 5.25 -14.78
CA VAL C 206 7.79 4.99 -13.35
C VAL C 206 7.04 3.74 -12.90
N TRP C 207 5.78 3.57 -13.32
CA TRP C 207 5.03 2.37 -12.97
C TRP C 207 5.76 1.13 -13.47
N SER C 208 6.22 1.17 -14.71
CA SER C 208 6.98 0.05 -15.28
C SER C 208 8.31 -0.15 -14.55
N TYR C 209 8.94 0.93 -14.11
CA TYR C 209 10.12 0.78 -13.26
C TYR C 209 9.77 0.02 -11.99
N GLY C 210 8.60 0.32 -11.40
CA GLY C 210 8.17 -0.43 -10.23
C GLY C 210 8.03 -1.91 -10.51
N VAL C 211 7.44 -2.25 -11.66
CA VAL C 211 7.33 -3.67 -11.99
C VAL C 211 8.71 -4.27 -12.23
N THR C 212 9.60 -3.53 -12.91
CA THR C 212 10.94 -4.03 -13.17
C THR C 212 11.65 -4.36 -11.86
N VAL C 213 11.58 -3.45 -10.88
CA VAL C 213 12.23 -3.70 -9.59
C VAL C 213 11.65 -4.95 -8.92
N TRP C 214 10.32 -5.12 -8.97
CA TRP C 214 9.69 -6.31 -8.40
C TRP C 214 10.22 -7.56 -9.09
N GLU C 215 10.39 -7.51 -10.41
CA GLU C 215 10.99 -8.62 -11.14
C GLU C 215 12.35 -8.98 -10.57
N LEU C 216 13.17 -7.97 -10.28
CA LEU C 216 14.52 -8.25 -9.80
C LEU C 216 14.49 -8.88 -8.42
N MET C 217 13.70 -8.28 -7.52
CA MET C 217 13.68 -8.69 -6.11
C MET C 217 13.01 -10.04 -5.91
N THR C 218 12.25 -10.52 -6.90
CA THR C 218 11.69 -11.86 -6.92
C THR C 218 12.57 -12.80 -7.70
N PHE C 219 13.72 -12.31 -8.17
CA PHE C 219 14.63 -13.12 -8.95
C PHE C 219 14.01 -13.59 -10.26
N GLY C 220 13.18 -12.75 -10.86
CA GLY C 220 12.70 -13.03 -12.18
C GLY C 220 11.36 -13.69 -12.24
N SER C 221 10.55 -13.57 -11.19
CA SER C 221 9.21 -14.13 -11.21
C SER C 221 8.36 -13.42 -12.26
N LYS C 222 7.32 -14.13 -12.74
CA LYS C 222 6.38 -13.54 -13.68
C LYS C 222 5.31 -12.79 -12.90
N PRO C 223 5.09 -11.50 -13.18
CA PRO C 223 4.14 -10.71 -12.38
C PRO C 223 2.70 -11.07 -12.70
N TYR C 224 1.87 -11.11 -11.65
CA TYR C 224 0.45 -11.44 -11.76
C TYR C 224 0.28 -12.77 -12.48
N ASP C 225 1.13 -13.73 -12.13
CA ASP C 225 1.21 -15.00 -12.85
C ASP C 225 -0.13 -15.73 -12.85
N GLY C 226 -0.55 -16.20 -14.03
CA GLY C 226 -1.78 -16.95 -14.18
C GLY C 226 -3.01 -16.09 -14.31
N ILE C 227 -2.87 -14.77 -14.24
CA ILE C 227 -3.98 -13.85 -14.43
C ILE C 227 -3.96 -13.39 -15.88
N PRO C 228 -5.03 -13.57 -16.63
CA PRO C 228 -5.06 -13.04 -17.99
C PRO C 228 -4.81 -11.54 -17.98
N ALA C 229 -4.10 -11.08 -19.00
CA ALA C 229 -3.87 -9.65 -19.16
C ALA C 229 -5.20 -8.90 -19.14
N SER C 230 -6.24 -9.52 -19.69
CA SER C 230 -7.54 -8.85 -19.79
C SER C 230 -8.10 -8.43 -18.44
N GLU C 231 -7.58 -8.98 -17.36
CA GLU C 231 -8.14 -8.70 -16.04
C GLU C 231 -7.29 -7.74 -15.21
N ILE C 232 -6.14 -7.32 -15.73
CA ILE C 232 -5.21 -6.55 -14.91
C ILE C 232 -5.83 -5.21 -14.58
N SER C 233 -6.51 -4.58 -15.57
CA SER C 233 -7.08 -3.25 -15.32
C SER C 233 -8.12 -3.32 -14.22
N SER C 234 -8.87 -4.43 -14.16
CA SER C 234 -9.90 -4.59 -13.14
C SER C 234 -9.29 -4.75 -11.75
N ILE C 235 -8.25 -5.56 -11.61
CA ILE C 235 -7.69 -5.78 -10.28
C ILE C 235 -6.89 -4.57 -9.81
N LEU C 236 -6.30 -3.80 -10.73
CA LEU C 236 -5.62 -2.58 -10.32
C LEU C 236 -6.64 -1.58 -9.79
N GLU C 237 -7.72 -1.38 -10.56
CA GLU C 237 -8.77 -0.46 -10.14
C GLU C 237 -9.35 -0.87 -8.80
N LYS C 238 -9.45 -2.16 -8.53
CA LYS C 238 -9.89 -2.65 -7.24
C LYS C 238 -8.83 -2.50 -6.15
N GLY C 239 -7.67 -1.95 -6.48
CA GLY C 239 -6.63 -1.66 -5.50
C GLY C 239 -5.65 -2.77 -5.22
N GLU C 240 -5.75 -3.90 -5.92
CA GLU C 240 -4.77 -4.97 -5.77
C GLU C 240 -3.49 -4.61 -6.49
N ARG C 241 -2.37 -5.02 -5.90
CA ARG C 241 -1.06 -4.77 -6.45
C ARG C 241 -0.21 -6.02 -6.26
N LEU C 242 0.97 -5.99 -6.90
CA LEU C 242 1.92 -7.07 -6.77
C LEU C 242 2.34 -7.27 -5.33
N PRO C 243 2.61 -8.52 -4.95
CA PRO C 243 2.85 -8.84 -3.54
C PRO C 243 4.27 -8.48 -3.13
N GLN C 244 4.46 -8.41 -1.84
CA GLN C 244 5.75 -8.02 -1.32
C GLN C 244 6.74 -9.15 -1.53
N PRO C 245 7.83 -8.93 -2.24
CA PRO C 245 8.84 -9.99 -2.41
C PRO C 245 9.36 -10.44 -1.05
N PRO C 246 9.59 -11.74 -0.87
CA PRO C 246 10.04 -12.24 0.45
C PRO C 246 11.30 -11.56 0.98
N ILE C 247 12.20 -11.07 0.10
CA ILE C 247 13.46 -10.46 0.55
C ILE C 247 13.35 -8.96 0.86
N CYS C 248 12.25 -8.31 0.48
CA CYS C 248 12.13 -6.86 0.60
C CYS C 248 11.68 -6.43 1.99
N THR C 249 12.47 -5.58 2.64
CA THR C 249 11.91 -4.90 3.79
C THR C 249 10.79 -3.98 3.32
N ILE C 250 10.03 -3.50 4.30
CA ILE C 250 8.90 -2.64 3.96
C ILE C 250 9.38 -1.36 3.29
N ASP C 251 10.59 -0.91 3.62
CA ASP C 251 11.12 0.29 2.97
C ASP C 251 11.16 0.12 1.45
N VAL C 252 11.63 -1.04 0.97
CA VAL C 252 11.72 -1.26 -0.46
C VAL C 252 10.34 -1.48 -1.08
N TYR C 253 9.46 -2.22 -0.42
CA TYR C 253 8.11 -2.45 -0.95
C TYR C 253 7.30 -1.16 -1.04
N MET C 254 7.51 -0.24 -0.10
CA MET C 254 6.79 1.03 -0.14
C MET C 254 7.16 1.81 -1.40
N ILE C 255 8.42 1.74 -1.82
CA ILE C 255 8.82 2.40 -3.05
C ILE C 255 8.07 1.84 -4.25
N MET C 256 8.04 0.49 -4.36
CA MET C 256 7.32 -0.14 -5.47
C MET C 256 5.86 0.28 -5.47
N ARG C 257 5.22 0.33 -4.30
CA ARG C 257 3.81 0.70 -4.21
C ARG C 257 3.59 2.15 -4.64
N LYS C 258 4.55 3.02 -4.37
CA LYS C 258 4.38 4.39 -4.80
C LYS C 258 4.48 4.49 -6.32
N CYS C 259 5.26 3.60 -6.96
CA CYS C 259 5.25 3.60 -8.41
C CYS C 259 3.89 3.22 -8.98
N TRP C 260 3.03 2.58 -8.19
CA TRP C 260 1.79 2.03 -8.71
C TRP C 260 0.57 2.78 -8.19
N MET C 261 0.75 4.03 -7.80
CA MET C 261 -0.39 4.86 -7.48
C MET C 261 -1.16 5.15 -8.76
N ILE C 262 -2.49 5.29 -8.62
CA ILE C 262 -3.34 5.58 -9.77
C ILE C 262 -3.08 7.00 -10.28
N ASP C 263 -2.82 7.95 -9.38
CA ASP C 263 -2.49 9.32 -9.78
C ASP C 263 -1.02 9.39 -10.19
N ALA C 264 -0.77 9.59 -11.49
CA ALA C 264 0.58 9.46 -12.03
C ALA C 264 1.54 10.44 -11.37
N ASP C 265 1.06 11.64 -11.04
CA ASP C 265 1.89 12.69 -10.46
C ASP C 265 2.19 12.47 -8.99
N SER C 266 1.52 11.57 -8.30
CA SER C 266 1.93 11.23 -6.95
C SER C 266 3.03 10.21 -6.94
N ARG C 267 3.31 9.58 -8.08
CA ARG C 267 4.39 8.63 -8.16
C ARG C 267 5.73 9.35 -8.03
N PRO C 268 6.74 8.67 -7.51
CA PRO C 268 8.06 9.28 -7.43
C PRO C 268 8.61 9.62 -8.81
N LYS C 269 9.59 10.51 -8.81
CA LYS C 269 10.40 10.87 -9.97
C LYS C 269 11.62 9.97 -10.02
N PHE C 270 12.13 9.75 -11.24
CA PHE C 270 13.34 8.94 -11.40
C PHE C 270 14.51 9.55 -10.64
N ARG C 271 14.52 10.89 -10.51
CA ARG C 271 15.50 11.62 -9.70
C ARG C 271 15.47 11.17 -8.25
N GLU C 272 14.27 11.14 -7.66
CA GLU C 272 14.09 10.68 -6.29
C GLU C 272 14.45 9.22 -6.14
N LEU C 273 14.11 8.41 -7.16
CA LEU C 273 14.42 6.99 -7.10
C LEU C 273 15.92 6.75 -7.05
N ILE C 274 16.69 7.52 -7.81
CA ILE C 274 18.15 7.40 -7.75
C ILE C 274 18.63 7.61 -6.32
N ILE C 275 18.14 8.69 -5.71
CA ILE C 275 18.60 9.10 -4.39
C ILE C 275 18.30 8.05 -3.34
N GLU C 276 17.08 7.51 -3.34
CA GLU C 276 16.68 6.56 -2.30
C GLU C 276 17.38 5.22 -2.48
N PHE C 277 17.44 4.68 -3.69
CA PHE C 277 18.14 3.42 -3.83
C PHE C 277 19.64 3.60 -3.60
N SER C 278 20.19 4.79 -3.89
CA SER C 278 21.58 5.06 -3.56
C SER C 278 21.76 5.07 -2.05
N LYS C 279 20.88 5.75 -1.35
CA LYS C 279 20.87 5.73 0.11
C LYS C 279 20.84 4.29 0.63
N MET C 280 19.92 3.48 0.11
CA MET C 280 19.80 2.11 0.59
C MET C 280 21.01 1.26 0.24
N ALA C 281 21.60 1.49 -0.94
CA ALA C 281 22.79 0.76 -1.35
C ALA C 281 23.97 1.00 -0.41
N ARG C 282 23.95 2.11 0.36
CA ARG C 282 25.01 2.35 1.32
C ARG C 282 24.88 1.48 2.56
N ASP C 283 23.71 0.89 2.79
CA ASP C 283 23.52 -0.06 3.89
C ASP C 283 22.64 -1.20 3.40
N PRO C 284 23.12 -1.98 2.44
CA PRO C 284 22.23 -2.88 1.72
C PRO C 284 21.53 -3.91 2.58
N GLN C 285 22.18 -4.44 3.61
CA GLN C 285 21.56 -5.53 4.36
C GLN C 285 20.42 -5.04 5.25
N ARG C 286 20.34 -3.73 5.48
CA ARG C 286 19.25 -3.18 6.29
C ARG C 286 17.94 -3.16 5.51
N TYR C 287 18.02 -3.16 4.18
CA TYR C 287 16.85 -2.99 3.34
C TYR C 287 16.46 -4.24 2.56
N LEU C 288 17.37 -5.18 2.37
CA LEU C 288 17.04 -6.46 1.74
C LEU C 288 17.50 -7.57 2.67
N VAL C 289 16.66 -8.57 2.87
CA VAL C 289 16.98 -9.70 3.72
C VAL C 289 17.18 -10.93 2.86
N ILE C 290 18.45 -11.29 2.66
CA ILE C 290 18.85 -12.39 1.79
C ILE C 290 19.76 -13.31 2.58
N GLN C 291 19.49 -14.61 2.52
CA GLN C 291 20.24 -15.58 3.31
C GLN C 291 21.63 -15.74 2.71
N GLY C 292 22.65 -15.49 3.52
CA GLY C 292 23.99 -15.63 3.02
C GLY C 292 24.44 -14.40 2.26
N ASP C 293 23.68 -13.32 2.37
CA ASP C 293 24.01 -12.07 1.69
C ASP C 293 25.35 -11.52 2.15
N GLU C 294 25.70 -11.78 3.41
CA GLU C 294 26.89 -11.26 4.07
C GLU C 294 28.13 -11.83 3.39
N ARG C 295 27.89 -12.73 2.45
CA ARG C 295 28.88 -13.38 1.63
C ARG C 295 28.89 -12.94 0.16
N MET C 296 27.80 -12.33 -0.35
CA MET C 296 27.70 -12.02 -1.79
C MET C 296 27.93 -10.53 -2.05
N HIS C 297 29.16 -10.10 -1.80
CA HIS C 297 29.54 -8.70 -1.93
C HIS C 297 29.97 -8.39 -3.36
N LEU C 298 30.00 -7.09 -3.67
CA LEU C 298 30.45 -6.61 -4.97
C LEU C 298 31.89 -7.03 -5.21
N PRO C 299 32.32 -7.04 -6.47
CA PRO C 299 33.66 -7.56 -6.79
C PRO C 299 34.73 -6.68 -6.18
N SER C 300 35.85 -7.33 -5.87
CA SER C 300 37.04 -6.66 -5.39
C SER C 300 37.52 -5.71 -6.46
N PRO C 301 38.32 -4.70 -6.09
CA PRO C 301 38.88 -3.82 -7.12
C PRO C 301 39.57 -4.60 -8.24
N THR C 302 40.26 -5.68 -7.89
CA THR C 302 40.95 -6.52 -8.87
C THR C 302 40.00 -7.05 -9.95
N ASP C 303 38.88 -7.65 -9.53
CA ASP C 303 38.01 -8.30 -10.49
C ASP C 303 37.21 -7.32 -11.35
N SER C 304 36.89 -6.14 -10.81
CA SER C 304 36.29 -5.10 -11.62
C SER C 304 37.28 -4.56 -12.65
N ASN C 305 38.50 -4.25 -12.21
CA ASN C 305 39.50 -3.75 -13.15
C ASN C 305 39.70 -4.74 -14.28
N PHE C 306 39.75 -6.02 -13.95
CA PHE C 306 39.86 -7.06 -14.97
C PHE C 306 38.62 -7.11 -15.84
N TYR C 307 37.43 -7.07 -15.21
CA TYR C 307 36.16 -7.01 -15.94
C TYR C 307 36.10 -5.82 -16.88
N ARG C 308 36.50 -4.64 -16.39
CA ARG C 308 36.36 -3.44 -17.19
C ARG C 308 37.32 -3.47 -18.38
N ALA C 309 38.55 -3.92 -18.18
CA ALA C 309 39.52 -3.92 -19.27
C ALA C 309 39.10 -4.86 -20.38
N LEU C 310 38.45 -5.96 -20.04
CA LEU C 310 38.02 -6.90 -21.07
C LEU C 310 36.70 -6.48 -21.69
N MET C 311 35.75 -6.04 -20.90
CA MET C 311 34.41 -5.89 -21.43
C MET C 311 33.81 -4.51 -21.31
N ASP C 312 34.44 -3.59 -20.56
CA ASP C 312 33.65 -2.42 -20.23
C ASP C 312 34.60 -1.24 -19.99
N GLU C 313 35.03 -0.62 -21.08
CA GLU C 313 36.00 0.45 -21.00
C GLU C 313 35.36 1.82 -20.89
N GLU C 314 34.03 1.89 -20.93
CA GLU C 314 33.34 3.18 -20.96
C GLU C 314 33.37 3.85 -19.58
N ASP C 315 33.11 5.16 -19.60
CA ASP C 315 33.32 6.09 -18.48
C ASP C 315 32.71 5.59 -17.17
N GLN D 10 -25.32 -29.69 29.17
CA GLN D 10 -26.13 -28.87 28.27
C GLN D 10 -27.14 -29.73 27.48
N ALA D 11 -28.38 -29.25 27.46
CA ALA D 11 -29.58 -29.86 26.90
C ALA D 11 -29.59 -29.91 25.37
N LEU D 12 -28.58 -29.36 24.70
CA LEU D 12 -28.62 -29.45 23.26
C LEU D 12 -28.13 -30.80 22.75
N LEU D 13 -27.47 -31.59 23.59
CA LEU D 13 -26.97 -32.90 23.21
C LEU D 13 -27.74 -33.96 24.00
N ARG D 14 -28.41 -34.85 23.29
CA ARG D 14 -29.13 -35.95 23.91
C ARG D 14 -28.21 -37.17 24.02
N ILE D 15 -28.12 -37.72 25.23
CA ILE D 15 -27.38 -38.95 25.48
C ILE D 15 -28.31 -40.12 25.19
N LEU D 16 -27.98 -40.90 24.16
CA LEU D 16 -28.85 -41.96 23.69
C LEU D 16 -28.46 -43.31 24.31
N LYS D 17 -29.46 -44.14 24.51
CA LYS D 17 -29.25 -45.53 24.88
C LYS D 17 -29.15 -46.37 23.60
N GLU D 18 -28.38 -47.45 23.66
CA GLU D 18 -28.32 -48.38 22.53
C GLU D 18 -29.70 -48.76 22.07
N THR D 19 -30.59 -49.01 23.02
CA THR D 19 -31.89 -49.61 22.75
C THR D 19 -32.86 -48.67 22.08
N GLU D 20 -32.51 -47.39 21.91
CA GLU D 20 -33.48 -46.46 21.34
C GLU D 20 -33.14 -46.07 19.91
N PHE D 21 -32.20 -46.78 19.28
CA PHE D 21 -31.91 -46.57 17.88
C PHE D 21 -31.34 -47.84 17.28
N LYS D 22 -31.50 -47.97 15.96
CA LYS D 22 -30.96 -49.09 15.20
C LYS D 22 -30.40 -48.56 13.88
N LYS D 23 -29.22 -49.05 13.51
CA LYS D 23 -28.65 -48.79 12.19
C LYS D 23 -29.28 -49.73 11.19
N ILE D 24 -29.65 -49.22 10.01
CA ILE D 24 -30.37 -50.12 9.10
C ILE D 24 -29.68 -50.31 7.76
N LYS D 25 -28.93 -49.31 7.29
CA LYS D 25 -28.35 -49.41 5.96
C LYS D 25 -27.10 -48.55 5.88
N VAL D 26 -26.07 -49.09 5.25
CA VAL D 26 -24.80 -48.38 5.12
C VAL D 26 -24.94 -47.33 4.03
N LEU D 27 -24.57 -46.10 4.36
CA LEU D 27 -24.56 -45.01 3.40
C LEU D 27 -23.17 -44.72 2.86
N GLY D 28 -22.12 -45.06 3.62
CA GLY D 28 -20.77 -44.75 3.20
C GLY D 28 -19.90 -44.58 4.41
N SER D 29 -18.61 -44.33 4.17
CA SER D 29 -17.68 -44.17 5.28
C SER D 29 -16.83 -42.94 5.04
N GLY D 30 -16.51 -42.27 6.13
CA GLY D 30 -15.71 -41.06 6.08
C GLY D 30 -15.61 -40.43 7.45
N ALA D 31 -14.74 -39.42 7.51
CA ALA D 31 -14.35 -38.69 8.70
C ALA D 31 -14.34 -39.55 9.97
N PHE D 32 -13.40 -40.52 10.01
CA PHE D 32 -13.07 -41.34 11.19
C PHE D 32 -14.08 -42.41 11.55
N GLY D 33 -14.99 -42.76 10.64
CA GLY D 33 -15.96 -43.80 10.95
C GLY D 33 -16.82 -44.12 9.76
N THR D 34 -17.81 -44.99 9.98
CA THR D 34 -18.75 -45.40 8.96
C THR D 34 -20.12 -44.85 9.27
N VAL D 35 -20.79 -44.33 8.25
CA VAL D 35 -22.10 -43.69 8.37
C VAL D 35 -23.19 -44.64 7.89
N TYR D 36 -24.27 -44.73 8.68
CA TYR D 36 -25.43 -45.54 8.38
C TYR D 36 -26.69 -44.68 8.35
N LYS D 37 -27.63 -45.04 7.48
CA LYS D 37 -29.01 -44.60 7.70
C LYS D 37 -29.58 -45.41 8.85
N GLY D 38 -30.19 -44.74 9.83
CA GLY D 38 -30.70 -45.40 11.00
C GLY D 38 -32.12 -44.98 11.35
N LEU D 39 -32.61 -45.52 12.46
CA LEU D 39 -33.94 -45.19 12.95
C LEU D 39 -33.83 -44.86 14.44
N TRP D 40 -34.45 -43.76 14.84
CA TRP D 40 -34.58 -43.44 16.26
C TRP D 40 -35.93 -43.94 16.75
N ILE D 41 -35.92 -44.67 17.85
CA ILE D 41 -37.13 -45.25 18.41
C ILE D 41 -37.38 -44.68 19.81
N PRO D 42 -38.16 -43.61 19.94
CA PRO D 42 -38.44 -43.07 21.27
C PRO D 42 -39.04 -44.12 22.19
N GLU D 43 -38.54 -44.15 23.43
CA GLU D 43 -39.04 -45.05 24.46
C GLU D 43 -40.55 -44.88 24.59
N GLY D 44 -41.27 -45.99 24.61
CA GLY D 44 -42.70 -45.91 24.87
C GLY D 44 -43.55 -45.34 23.75
N GLU D 45 -42.98 -45.10 22.58
CA GLU D 45 -43.73 -44.64 21.41
C GLU D 45 -43.74 -45.74 20.35
N LYS D 46 -44.48 -45.47 19.27
CA LYS D 46 -44.62 -46.42 18.17
C LYS D 46 -43.97 -45.94 16.89
N VAL D 47 -43.35 -44.77 16.89
CA VAL D 47 -42.80 -44.20 15.67
C VAL D 47 -41.32 -44.57 15.56
N LYS D 48 -40.82 -44.52 14.33
CA LYS D 48 -39.41 -44.73 14.01
C LYS D 48 -38.95 -43.60 13.11
N ILE D 49 -38.03 -42.78 13.59
CA ILE D 49 -37.63 -41.55 12.90
C ILE D 49 -36.29 -41.77 12.21
N PRO D 50 -36.18 -41.55 10.89
CA PRO D 50 -34.90 -41.79 10.21
C PRO D 50 -33.86 -40.80 10.71
N VAL D 51 -32.66 -41.30 11.02
CA VAL D 51 -31.52 -40.48 11.39
C VAL D 51 -30.31 -40.92 10.57
N ALA D 52 -29.19 -40.21 10.74
CA ALA D 52 -27.88 -40.64 10.28
C ALA D 52 -27.01 -40.98 11.47
N ILE D 53 -26.37 -42.15 11.42
CA ILE D 53 -25.52 -42.64 12.51
C ILE D 53 -24.11 -42.82 11.99
N LYS D 54 -23.14 -42.23 12.69
CA LYS D 54 -21.72 -42.43 12.41
C LYS D 54 -21.12 -43.23 13.56
N GLU D 55 -20.70 -44.45 13.26
CA GLU D 55 -19.99 -45.28 14.21
C GLU D 55 -18.49 -45.09 13.99
N LEU D 56 -17.76 -44.69 15.03
CA LEU D 56 -16.36 -44.45 14.79
C LEU D 56 -15.65 -45.77 14.58
N ARG D 57 -14.55 -45.74 13.84
CA ARG D 57 -13.92 -47.01 13.49
C ARG D 57 -13.01 -47.52 14.59
N GLU D 58 -12.39 -46.62 15.35
CA GLU D 58 -11.57 -47.03 16.48
C GLU D 58 -12.39 -46.96 17.75
N ALA D 59 -12.26 -47.98 18.58
CA ALA D 59 -12.88 -47.95 19.90
C ALA D 59 -12.07 -47.07 20.84
N THR D 60 -12.77 -46.44 21.79
CA THR D 60 -12.17 -45.45 22.68
C THR D 60 -12.39 -45.82 24.14
N SER D 61 -11.53 -45.26 25.01
CA SER D 61 -11.54 -45.45 26.45
C SER D 61 -12.40 -44.39 27.12
N PRO D 62 -12.83 -44.62 28.37
CA PRO D 62 -13.63 -43.58 29.05
C PRO D 62 -12.98 -42.20 29.02
N LYS D 63 -11.67 -42.15 29.19
CA LYS D 63 -11.00 -40.85 29.28
C LYS D 63 -10.94 -40.16 27.93
N ALA D 64 -10.67 -40.91 26.86
CA ALA D 64 -10.86 -40.38 25.52
C ALA D 64 -12.32 -40.01 25.24
N ASN D 65 -13.27 -40.68 25.89
CA ASN D 65 -14.69 -40.35 25.72
C ASN D 65 -15.03 -38.99 26.29
N LYS D 66 -14.39 -38.61 27.39
CA LYS D 66 -14.62 -37.29 27.99
C LYS D 66 -14.25 -36.19 27.01
N GLU D 67 -13.10 -36.33 26.35
CA GLU D 67 -12.77 -35.39 25.28
C GLU D 67 -13.86 -35.35 24.22
N ILE D 68 -14.25 -36.54 23.76
CA ILE D 68 -15.26 -36.65 22.72
C ILE D 68 -16.50 -35.91 23.14
N LEU D 69 -16.93 -36.12 24.39
CA LEU D 69 -18.12 -35.43 24.88
C LEU D 69 -17.97 -33.93 24.84
N ASP D 70 -16.80 -33.42 25.29
CA ASP D 70 -16.60 -31.97 25.28
C ASP D 70 -16.83 -31.42 23.87
N GLU D 71 -16.25 -32.09 22.88
CA GLU D 71 -16.44 -31.69 21.50
C GLU D 71 -17.88 -31.87 21.07
N ALA D 72 -18.52 -32.93 21.58
CA ALA D 72 -19.91 -33.22 21.25
C ALA D 72 -20.83 -32.09 21.67
N TYR D 73 -20.60 -31.53 22.85
CA TYR D 73 -21.44 -30.44 23.33
C TYR D 73 -21.31 -29.20 22.45
N VAL D 74 -20.10 -28.86 22.03
CA VAL D 74 -19.91 -27.72 21.13
C VAL D 74 -20.63 -27.98 19.81
N MET D 75 -20.46 -29.19 19.26
CA MET D 75 -21.06 -29.50 17.97
C MET D 75 -22.57 -29.55 18.06
N ALA D 76 -23.10 -29.83 19.23
CA ALA D 76 -24.53 -29.74 19.46
C ALA D 76 -25.01 -28.30 19.63
N SER D 77 -24.10 -27.34 19.74
CA SER D 77 -24.47 -25.97 20.06
C SER D 77 -24.53 -25.06 18.84
N VAL D 78 -24.23 -25.57 17.64
CA VAL D 78 -24.28 -24.74 16.45
C VAL D 78 -25.72 -24.67 15.97
N ASP D 79 -26.20 -23.45 15.68
CA ASP D 79 -27.59 -23.14 15.27
C ASP D 79 -27.50 -22.10 14.15
N ASN D 80 -27.57 -22.58 12.92
CA ASN D 80 -27.49 -21.70 11.77
C ASN D 80 -28.08 -22.47 10.61
N PRO D 81 -28.87 -21.84 9.73
CA PRO D 81 -29.51 -22.61 8.65
C PRO D 81 -28.54 -23.29 7.69
N HIS D 82 -27.26 -22.93 7.68
CA HIS D 82 -26.30 -23.50 6.74
C HIS D 82 -25.18 -24.25 7.44
N VAL D 83 -25.43 -24.74 8.65
CA VAL D 83 -24.48 -25.53 9.42
C VAL D 83 -25.26 -26.66 10.07
N CYS D 84 -24.80 -27.90 9.88
CA CYS D 84 -25.41 -29.03 10.55
C CYS D 84 -25.06 -29.05 12.04
N ARG D 85 -26.04 -29.39 12.87
CA ARG D 85 -25.81 -29.56 14.30
C ARG D 85 -25.82 -31.05 14.65
N LEU D 86 -24.93 -31.45 15.56
CA LEU D 86 -24.96 -32.80 16.11
C LEU D 86 -26.10 -32.95 17.10
N LEU D 87 -26.85 -34.05 16.99
CA LEU D 87 -28.04 -34.23 17.80
C LEU D 87 -27.85 -35.17 18.99
N GLY D 88 -27.22 -36.32 18.81
CA GLY D 88 -27.09 -37.23 19.91
C GLY D 88 -25.80 -37.99 19.85
N ILE D 89 -25.53 -38.72 20.93
CA ILE D 89 -24.33 -39.53 21.03
C ILE D 89 -24.63 -40.75 21.87
N CYS D 90 -24.03 -41.86 21.48
CA CYS D 90 -24.10 -43.12 22.20
C CYS D 90 -22.68 -43.56 22.46
N LEU D 91 -22.34 -43.76 23.73
CA LEU D 91 -20.98 -44.11 24.15
C LEU D 91 -20.83 -45.62 24.27
N THR D 92 -20.90 -46.24 23.10
CA THR D 92 -20.66 -47.68 23.01
C THR D 92 -19.15 -47.83 22.86
N SER D 93 -18.66 -49.06 22.88
CA SER D 93 -17.23 -49.31 22.74
C SER D 93 -16.70 -48.48 21.58
N THR D 94 -17.34 -48.59 20.42
CA THR D 94 -17.16 -47.61 19.37
C THR D 94 -18.32 -46.63 19.52
N VAL D 95 -17.99 -45.36 19.64
CA VAL D 95 -18.95 -44.30 19.91
C VAL D 95 -19.79 -44.05 18.67
N GLN D 96 -21.08 -43.80 18.87
CA GLN D 96 -22.02 -43.54 17.80
C GLN D 96 -22.59 -42.13 17.91
N LEU D 97 -22.57 -41.40 16.80
CA LEU D 97 -23.03 -40.02 16.70
C LEU D 97 -24.24 -39.93 15.78
N ILE D 98 -25.24 -39.16 16.21
CA ILE D 98 -26.55 -39.11 15.57
C ILE D 98 -26.84 -37.67 15.11
N MET D 99 -27.23 -37.51 13.85
CA MET D 99 -27.62 -36.21 13.34
C MET D 99 -28.79 -36.43 12.39
N GLN D 100 -29.30 -35.33 11.85
CA GLN D 100 -30.41 -35.38 10.91
C GLN D 100 -30.01 -36.08 9.62
N LEU D 101 -30.92 -36.86 9.06
CA LEU D 101 -30.64 -37.59 7.84
C LEU D 101 -31.02 -36.75 6.63
N MET D 102 -30.07 -36.56 5.72
CA MET D 102 -30.29 -35.76 4.52
C MET D 102 -30.53 -36.69 3.34
N PRO D 103 -31.79 -36.99 2.98
CA PRO D 103 -32.02 -37.95 1.89
C PRO D 103 -31.40 -37.56 0.57
N PHE D 104 -31.07 -36.29 0.34
CA PHE D 104 -30.40 -35.90 -0.90
C PHE D 104 -28.90 -36.20 -0.92
N GLY D 105 -28.31 -36.52 0.20
CA GLY D 105 -26.91 -36.86 0.21
C GLY D 105 -26.05 -35.62 0.24
N CYS D 106 -24.77 -35.83 -0.02
CA CYS D 106 -23.80 -34.75 0.03
C CYS D 106 -23.71 -34.09 -1.32
N LEU D 107 -23.19 -32.86 -1.33
CA LEU D 107 -23.15 -32.07 -2.55
C LEU D 107 -22.15 -32.64 -3.56
N LEU D 108 -21.09 -33.31 -3.10
CA LEU D 108 -20.15 -33.93 -4.02
C LEU D 108 -20.84 -34.96 -4.91
N ASP D 109 -21.62 -35.85 -4.29
CA ASP D 109 -22.36 -36.87 -5.02
C ASP D 109 -23.46 -36.25 -5.87
N TYR D 110 -24.14 -35.24 -5.33
CA TYR D 110 -25.21 -34.61 -6.08
C TYR D 110 -24.67 -34.01 -7.39
N VAL D 111 -23.55 -33.31 -7.31
CA VAL D 111 -23.09 -32.64 -8.53
C VAL D 111 -22.61 -33.67 -9.56
N ARG D 112 -22.01 -34.79 -9.10
CA ARG D 112 -21.64 -35.86 -10.01
C ARG D 112 -22.86 -36.49 -10.68
N GLU D 113 -23.92 -36.68 -9.92
CA GLU D 113 -25.12 -37.33 -10.42
C GLU D 113 -25.94 -36.44 -11.33
N HIS D 114 -25.95 -35.12 -11.11
CA HIS D 114 -26.76 -34.19 -11.90
C HIS D 114 -25.94 -33.27 -12.81
N LYS D 115 -24.76 -33.71 -13.26
CA LYS D 115 -23.87 -32.75 -13.89
C LYS D 115 -24.41 -32.19 -15.21
N ASP D 116 -25.48 -32.74 -15.74
CA ASP D 116 -26.12 -32.12 -16.91
C ASP D 116 -27.38 -31.34 -16.57
N ASN D 117 -27.88 -31.39 -15.35
CA ASN D 117 -29.10 -30.64 -15.03
C ASN D 117 -28.88 -29.45 -14.12
N ILE D 118 -27.64 -29.11 -13.79
CA ILE D 118 -27.39 -28.08 -12.79
C ILE D 118 -27.13 -26.74 -13.46
N GLY D 119 -28.00 -25.76 -13.19
CA GLY D 119 -27.85 -24.44 -13.76
C GLY D 119 -27.07 -23.47 -12.86
N SER D 120 -26.74 -22.32 -13.46
CA SER D 120 -25.84 -21.36 -12.80
C SER D 120 -26.43 -20.83 -11.50
N GLN D 121 -27.74 -20.68 -11.44
CA GLN D 121 -28.34 -20.10 -10.24
C GLN D 121 -28.16 -21.02 -9.03
N TYR D 122 -28.20 -22.34 -9.23
CA TYR D 122 -27.96 -23.28 -8.13
C TYR D 122 -26.53 -23.20 -7.64
N LEU D 123 -25.56 -23.30 -8.56
CA LEU D 123 -24.15 -23.35 -8.20
C LEU D 123 -23.74 -22.12 -7.41
N LEU D 124 -24.12 -20.94 -7.91
CA LEU D 124 -23.76 -19.71 -7.23
C LEU D 124 -24.42 -19.61 -5.84
N ASN D 125 -25.69 -20.02 -5.71
CA ASN D 125 -26.34 -19.95 -4.42
C ASN D 125 -25.70 -20.91 -3.43
N TRP D 126 -25.30 -22.10 -3.90
CA TRP D 126 -24.56 -23.02 -3.03
C TRP D 126 -23.28 -22.37 -2.50
N CYS D 127 -22.55 -21.68 -3.37
CA CYS D 127 -21.33 -21.00 -2.91
C CYS D 127 -21.66 -19.94 -1.86
N VAL D 128 -22.77 -19.20 -2.06
CA VAL D 128 -23.22 -18.24 -1.04
C VAL D 128 -23.51 -18.98 0.27
N GLN D 129 -24.28 -20.08 0.18
CA GLN D 129 -24.74 -20.74 1.39
C GLN D 129 -23.58 -21.33 2.18
N ILE D 130 -22.62 -21.93 1.48
CA ILE D 130 -21.44 -22.47 2.15
C ILE D 130 -20.67 -21.35 2.82
N ALA D 131 -20.60 -20.18 2.17
CA ALA D 131 -19.92 -19.04 2.76
C ALA D 131 -20.61 -18.56 4.03
N LYS D 132 -21.95 -18.47 4.01
CA LYS D 132 -22.71 -18.14 5.22
C LYS D 132 -22.40 -19.11 6.34
N GLY D 133 -22.41 -20.41 6.04
CA GLY D 133 -22.16 -21.39 7.09
C GLY D 133 -20.77 -21.26 7.68
N MET D 134 -19.75 -21.08 6.84
CA MET D 134 -18.39 -20.89 7.31
C MET D 134 -18.24 -19.59 8.08
N ASN D 135 -18.94 -18.54 7.64
CA ASN D 135 -18.91 -17.28 8.39
C ASN D 135 -19.48 -17.47 9.78
N TYR D 136 -20.58 -18.24 9.92
CA TYR D 136 -21.12 -18.51 11.26
C TYR D 136 -20.08 -19.24 12.10
N LEU D 137 -19.47 -20.30 11.54
CA LEU D 137 -18.39 -21.00 12.23
C LEU D 137 -17.26 -20.05 12.63
N GLU D 138 -16.93 -19.08 11.77
CA GLU D 138 -15.90 -18.12 12.14
C GLU D 138 -16.34 -17.26 13.32
N ASP D 139 -17.58 -16.78 13.28
CA ASP D 139 -18.06 -15.99 14.41
C ASP D 139 -18.02 -16.79 15.71
N ARG D 140 -18.32 -18.10 15.64
CA ARG D 140 -18.24 -18.95 16.82
C ARG D 140 -16.80 -19.35 17.10
N ARG D 141 -15.88 -18.90 16.26
CA ARG D 141 -14.46 -19.22 16.38
C ARG D 141 -14.22 -20.73 16.35
N LEU D 142 -14.92 -21.40 15.44
CA LEU D 142 -14.79 -22.82 15.20
C LEU D 142 -14.11 -22.98 13.86
N VAL D 143 -12.98 -23.67 13.86
CA VAL D 143 -12.26 -23.95 12.62
C VAL D 143 -12.76 -25.27 12.07
N HIS D 144 -13.12 -25.28 10.79
CA HIS D 144 -13.69 -26.49 10.20
C HIS D 144 -12.66 -27.60 10.14
N ARG D 145 -11.58 -27.36 9.38
CA ARG D 145 -10.40 -28.18 9.14
C ARG D 145 -10.60 -29.23 8.07
N ASP D 146 -11.81 -29.44 7.55
CA ASP D 146 -12.03 -30.52 6.58
C ASP D 146 -13.14 -30.13 5.64
N LEU D 147 -13.22 -28.84 5.31
CA LEU D 147 -14.20 -28.39 4.34
C LEU D 147 -13.88 -28.97 2.97
N ALA D 148 -14.93 -29.39 2.27
CA ALA D 148 -14.84 -30.18 1.06
C ALA D 148 -16.24 -30.49 0.58
N ALA D 149 -16.40 -30.73 -0.73
CA ALA D 149 -17.73 -30.95 -1.26
C ALA D 149 -18.43 -32.12 -0.58
N ARG D 150 -17.67 -33.09 -0.07
CA ARG D 150 -18.25 -34.21 0.65
C ARG D 150 -18.76 -33.82 2.02
N ASN D 151 -18.29 -32.69 2.55
CA ASN D 151 -18.72 -32.24 3.86
C ASN D 151 -19.69 -31.08 3.74
N VAL D 152 -20.39 -31.00 2.59
CA VAL D 152 -21.55 -30.14 2.44
C VAL D 152 -22.73 -31.05 2.13
N LEU D 153 -23.73 -31.02 2.99
CA LEU D 153 -24.88 -31.83 2.83
C LEU D 153 -25.97 -31.10 2.16
N VAL D 154 -26.77 -31.81 1.41
CA VAL D 154 -27.85 -31.27 0.68
C VAL D 154 -29.17 -31.50 1.46
N LYS D 155 -29.80 -30.46 1.99
CA LYS D 155 -31.05 -30.59 2.73
C LYS D 155 -32.14 -30.80 1.70
N THR D 156 -32.20 -29.84 0.82
CA THR D 156 -32.95 -29.82 -0.40
C THR D 156 -31.98 -29.28 -1.46
N PRO D 157 -32.38 -29.27 -2.72
CA PRO D 157 -31.50 -28.74 -3.75
C PRO D 157 -31.25 -27.27 -3.58
N GLN D 158 -32.16 -26.49 -3.01
CA GLN D 158 -32.00 -25.09 -2.79
C GLN D 158 -31.34 -24.77 -1.49
N HIS D 159 -30.99 -25.77 -0.72
CA HIS D 159 -30.45 -25.54 0.60
C HIS D 159 -29.44 -26.56 1.06
N VAL D 160 -28.22 -26.15 1.23
CA VAL D 160 -27.17 -26.99 1.66
C VAL D 160 -26.66 -26.55 2.98
N LYS D 161 -26.07 -27.48 3.69
CA LYS D 161 -25.53 -27.28 5.01
C LYS D 161 -24.19 -27.97 5.25
N ILE D 162 -23.32 -27.24 5.90
CA ILE D 162 -21.99 -27.65 6.22
C ILE D 162 -21.93 -28.68 7.34
N THR D 163 -21.15 -29.70 7.17
CA THR D 163 -21.03 -30.74 8.16
C THR D 163 -19.60 -31.16 8.47
N ASP D 164 -19.43 -31.94 9.53
CA ASP D 164 -18.12 -32.54 9.89
C ASP D 164 -17.02 -31.53 10.17
N PHE D 165 -17.35 -30.43 10.82
CA PHE D 165 -16.35 -29.50 11.13
C PHE D 165 -15.87 -29.72 12.51
N GLY D 166 -14.78 -29.10 12.80
CA GLY D 166 -14.19 -29.20 14.09
C GLY D 166 -13.57 -30.47 14.59
N LEU D 167 -13.27 -31.45 13.78
CA LEU D 167 -12.65 -32.63 14.31
C LEU D 167 -11.14 -32.48 14.31
N ALA D 168 -10.64 -31.67 15.20
CA ALA D 168 -9.22 -31.45 15.27
C ALA D 168 -8.50 -32.63 15.88
N VAL D 185 -5.65 -37.61 6.05
CA VAL D 185 -5.51 -36.19 5.78
C VAL D 185 -5.77 -35.80 4.34
N PRO D 186 -6.66 -34.84 4.12
CA PRO D 186 -7.02 -34.41 2.78
C PRO D 186 -6.15 -33.29 2.36
N ILE D 187 -4.93 -33.66 2.03
CA ILE D 187 -3.88 -32.77 1.59
C ILE D 187 -4.26 -31.86 0.45
N LYS D 188 -5.00 -32.35 -0.50
CA LYS D 188 -5.41 -31.62 -1.63
C LYS D 188 -6.44 -30.54 -1.41
N TRP D 189 -7.06 -30.50 -0.25
CA TRP D 189 -7.98 -29.50 0.14
C TRP D 189 -7.32 -28.55 1.14
N MET D 190 -6.16 -28.90 1.65
CA MET D 190 -5.50 -28.10 2.64
C MET D 190 -4.72 -26.92 2.17
N ALA D 191 -4.63 -25.90 2.98
CA ALA D 191 -3.85 -24.75 2.67
C ALA D 191 -2.38 -25.08 2.83
N LEU D 192 -1.50 -24.43 2.09
CA LEU D 192 -0.06 -24.69 2.17
C LEU D 192 0.51 -24.69 3.55
N GLU D 193 0.15 -23.72 4.37
CA GLU D 193 0.56 -23.64 5.75
C GLU D 193 0.11 -24.79 6.60
N SER D 194 -1.01 -25.40 6.31
CA SER D 194 -1.47 -26.51 7.06
C SER D 194 -0.70 -27.74 6.71
N ILE D 195 -0.25 -27.83 5.49
CA ILE D 195 0.51 -28.96 5.04
C ILE D 195 1.91 -28.98 5.59
N LEU D 196 2.52 -27.84 5.69
CA LEU D 196 3.87 -27.80 6.14
C LEU D 196 3.99 -27.64 7.58
N HIS D 197 3.06 -26.90 8.15
CA HIS D 197 3.12 -26.55 9.57
C HIS D 197 2.02 -26.98 10.51
N ARG D 198 1.04 -27.70 10.01
CA ARG D 198 -0.13 -28.13 10.76
C ARG D 198 -0.92 -27.03 11.47
N ILE D 199 -0.99 -25.89 10.84
CA ILE D 199 -1.65 -24.73 11.31
C ILE D 199 -3.01 -24.70 10.64
N TYR D 200 -4.08 -24.64 11.41
CA TYR D 200 -5.43 -24.57 10.87
C TYR D 200 -6.12 -23.33 11.37
N THR D 201 -6.53 -22.47 10.48
CA THR D 201 -7.21 -21.26 10.82
C THR D 201 -8.44 -21.04 9.98
N HIS D 202 -9.05 -19.88 10.12
CA HIS D 202 -10.21 -19.57 9.34
C HIS D 202 -9.79 -19.15 7.98
N GLN D 203 -8.58 -18.61 7.86
CA GLN D 203 -7.99 -18.25 6.60
C GLN D 203 -7.58 -19.54 5.91
N SER D 204 -7.18 -20.54 6.66
CA SER D 204 -6.89 -21.80 6.07
C SER D 204 -8.18 -22.45 5.58
N ASP D 205 -9.31 -22.24 6.26
CA ASP D 205 -10.60 -22.71 5.82
C ASP D 205 -10.98 -22.07 4.52
N VAL D 206 -10.65 -20.81 4.33
CA VAL D 206 -10.90 -20.15 3.09
C VAL D 206 -10.25 -20.85 1.90
N TRP D 207 -9.04 -21.37 2.04
CA TRP D 207 -8.38 -22.10 0.99
C TRP D 207 -9.17 -23.32 0.63
N SER D 208 -9.67 -24.02 1.63
CA SER D 208 -10.50 -25.18 1.47
C SER D 208 -11.81 -24.86 0.81
N TYR D 209 -12.33 -23.64 1.00
CA TYR D 209 -13.58 -23.20 0.33
C TYR D 209 -13.30 -23.07 -1.17
N GLY D 210 -12.14 -22.58 -1.55
CA GLY D 210 -11.76 -22.48 -2.96
C GLY D 210 -11.76 -23.82 -3.66
N VAL D 211 -11.17 -24.82 -3.02
CA VAL D 211 -11.19 -26.20 -3.58
C VAL D 211 -12.63 -26.69 -3.58
N THR D 212 -13.41 -26.36 -2.55
CA THR D 212 -14.76 -26.83 -2.54
C THR D 212 -15.48 -26.23 -3.70
N VAL D 213 -15.33 -24.94 -3.91
CA VAL D 213 -15.94 -24.30 -5.03
C VAL D 213 -15.49 -24.88 -6.35
N TRP D 214 -14.20 -25.17 -6.51
CA TRP D 214 -13.68 -25.81 -7.74
C TRP D 214 -14.40 -27.13 -7.99
N GLU D 215 -14.57 -27.93 -6.95
CA GLU D 215 -15.23 -29.24 -7.05
C GLU D 215 -16.64 -29.06 -7.60
N LEU D 216 -17.35 -28.03 -7.15
CA LEU D 216 -18.75 -27.84 -7.56
C LEU D 216 -18.76 -27.44 -9.03
N MET D 217 -17.94 -26.48 -9.45
CA MET D 217 -18.05 -25.96 -10.84
C MET D 217 -17.47 -26.89 -11.89
N THR D 218 -16.77 -27.93 -11.48
CA THR D 218 -16.25 -28.98 -12.29
C THR D 218 -17.13 -30.21 -12.21
N PHE D 219 -18.23 -30.12 -11.47
CA PHE D 219 -19.19 -31.14 -11.25
C PHE D 219 -18.61 -32.31 -10.56
N GLY D 220 -17.74 -32.06 -9.64
CA GLY D 220 -17.17 -33.12 -8.91
C GLY D 220 -15.89 -33.74 -9.33
N SER D 221 -15.07 -33.03 -10.04
CA SER D 221 -13.80 -33.57 -10.41
C SER D 221 -12.85 -33.72 -9.23
N LYS D 222 -11.88 -34.60 -9.33
CA LYS D 222 -10.95 -34.75 -8.26
C LYS D 222 -9.83 -33.81 -8.50
N PRO D 223 -9.42 -33.09 -7.47
CA PRO D 223 -8.36 -32.13 -7.56
C PRO D 223 -7.04 -32.78 -7.68
N TYR D 224 -6.21 -32.33 -8.61
CA TYR D 224 -4.86 -32.82 -8.83
C TYR D 224 -4.88 -34.32 -9.02
N ASP D 225 -5.75 -34.78 -9.89
CA ASP D 225 -5.93 -36.18 -10.07
C ASP D 225 -4.71 -36.93 -10.50
N GLY D 226 -4.40 -37.97 -9.77
CA GLY D 226 -3.25 -38.81 -10.04
C GLY D 226 -1.98 -38.42 -9.33
N ILE D 227 -1.85 -37.14 -8.97
CA ILE D 227 -0.69 -36.61 -8.31
C ILE D 227 -0.72 -37.02 -6.89
N PRO D 228 0.39 -37.53 -6.38
CA PRO D 228 0.47 -37.97 -5.02
C PRO D 228 0.49 -36.82 -4.13
N ALA D 229 -0.05 -37.05 -2.98
CA ALA D 229 -0.15 -36.06 -1.96
C ALA D 229 1.18 -35.55 -1.48
N SER D 230 2.22 -36.36 -1.45
CA SER D 230 3.52 -35.91 -1.02
C SER D 230 4.15 -34.83 -1.82
N GLU D 231 3.79 -34.65 -3.06
CA GLU D 231 4.27 -33.63 -3.90
C GLU D 231 3.39 -32.38 -3.98
N ILE D 232 2.25 -32.37 -3.30
CA ILE D 232 1.35 -31.24 -3.39
C ILE D 232 1.93 -29.96 -2.91
N SER D 233 2.59 -29.94 -1.80
CA SER D 233 3.22 -28.71 -1.34
C SER D 233 4.25 -28.14 -2.30
N SER D 234 4.97 -28.98 -3.01
CA SER D 234 5.94 -28.51 -3.94
C SER D 234 5.24 -27.84 -5.07
N ILE D 235 4.17 -28.40 -5.61
CA ILE D 235 3.51 -27.68 -6.68
C ILE D 235 2.92 -26.36 -6.26
N LEU D 236 2.42 -26.25 -5.04
CA LEU D 236 1.84 -25.03 -4.62
C LEU D 236 2.88 -24.01 -4.46
N GLU D 237 4.01 -24.41 -3.90
CA GLU D 237 5.16 -23.56 -3.65
C GLU D 237 5.66 -22.95 -4.91
N LYS D 238 5.67 -23.72 -5.97
CA LYS D 238 6.02 -23.27 -7.29
C LYS D 238 4.95 -22.52 -8.05
N GLY D 239 3.81 -22.21 -7.43
CA GLY D 239 2.78 -21.42 -8.04
C GLY D 239 1.73 -22.08 -8.86
N GLU D 240 1.68 -23.38 -8.92
CA GLU D 240 0.64 -24.01 -9.67
C GLU D 240 -0.60 -24.12 -8.80
N ARG D 241 -1.76 -23.87 -9.35
CA ARG D 241 -3.01 -24.00 -8.65
C ARG D 241 -3.97 -24.81 -9.51
N LEU D 242 -5.18 -25.03 -9.06
CA LEU D 242 -6.14 -25.79 -9.82
C LEU D 242 -6.59 -25.01 -11.01
N PRO D 243 -6.88 -25.68 -12.09
CA PRO D 243 -7.24 -25.09 -13.36
C PRO D 243 -8.63 -24.55 -13.46
N GLN D 244 -8.82 -23.53 -14.28
CA GLN D 244 -10.08 -22.95 -14.46
C GLN D 244 -11.06 -23.95 -15.05
N PRO D 245 -12.18 -24.20 -14.37
CA PRO D 245 -13.22 -25.10 -14.84
C PRO D 245 -13.84 -24.53 -16.08
N PRO D 246 -14.22 -25.35 -16.99
CA PRO D 246 -14.80 -24.86 -18.23
C PRO D 246 -15.98 -23.95 -18.12
N ILE D 247 -16.87 -24.11 -17.16
CA ILE D 247 -18.02 -23.22 -17.09
C ILE D 247 -17.78 -21.92 -16.42
N CYS D 248 -16.66 -21.82 -15.76
CA CYS D 248 -16.40 -20.65 -15.04
C CYS D 248 -15.80 -19.57 -15.82
N THR D 249 -16.34 -18.39 -15.65
CA THR D 249 -15.76 -17.24 -16.28
C THR D 249 -14.53 -16.80 -15.53
N ILE D 250 -13.87 -15.81 -16.06
CA ILE D 250 -12.67 -15.37 -15.40
C ILE D 250 -12.97 -14.74 -14.05
N ASP D 251 -14.05 -14.03 -13.93
CA ASP D 251 -14.43 -13.40 -12.70
C ASP D 251 -14.58 -14.45 -11.58
N VAL D 252 -15.20 -15.57 -11.86
CA VAL D 252 -15.35 -16.58 -10.86
C VAL D 252 -14.05 -17.23 -10.51
N TYR D 253 -13.26 -17.53 -11.51
CA TYR D 253 -11.99 -18.14 -11.28
C TYR D 253 -11.02 -17.32 -10.50
N MET D 254 -11.06 -16.02 -10.59
CA MET D 254 -10.17 -15.19 -9.84
C MET D 254 -10.41 -15.27 -8.36
N ILE D 255 -11.66 -15.41 -7.99
CA ILE D 255 -12.03 -15.55 -6.61
C ILE D 255 -11.43 -16.80 -6.07
N MET D 256 -11.52 -17.88 -6.80
CA MET D 256 -10.93 -19.13 -6.37
C MET D 256 -9.44 -19.00 -6.12
N ARG D 257 -8.73 -18.34 -7.01
CA ARG D 257 -7.31 -18.14 -6.88
C ARG D 257 -6.97 -17.26 -5.71
N LYS D 258 -7.80 -16.32 -5.36
CA LYS D 258 -7.60 -15.49 -4.22
C LYS D 258 -7.64 -16.28 -2.96
N CYS D 259 -8.51 -17.28 -2.88
CA CYS D 259 -8.53 -18.16 -1.73
C CYS D 259 -7.30 -19.02 -1.58
N TRP D 260 -6.57 -19.28 -2.65
CA TRP D 260 -5.36 -20.07 -2.67
C TRP D 260 -4.05 -19.27 -2.69
N MET D 261 -4.03 -18.12 -2.11
CA MET D 261 -2.85 -17.38 -2.02
C MET D 261 -2.04 -17.91 -0.92
N ILE D 262 -0.76 -17.84 -1.09
CA ILE D 262 0.17 -18.33 -0.13
C ILE D 262 0.09 -17.56 1.17
N ASP D 263 -0.07 -16.27 1.10
CA ASP D 263 -0.16 -15.49 2.28
C ASP D 263 -1.62 -15.43 2.80
N ALA D 264 -1.87 -16.12 3.92
CA ALA D 264 -3.19 -16.26 4.53
C ALA D 264 -4.03 -15.03 4.60
N ASP D 265 -3.45 -13.92 5.01
CA ASP D 265 -4.17 -12.66 5.10
C ASP D 265 -4.52 -12.00 3.81
N SER D 266 -4.03 -12.44 2.68
CA SER D 266 -4.38 -11.85 1.40
C SER D 266 -5.60 -12.53 0.82
N ARG D 267 -5.99 -13.65 1.40
CA ARG D 267 -7.14 -14.36 0.94
C ARG D 267 -8.35 -13.61 1.38
N PRO D 268 -9.42 -13.73 0.67
CA PRO D 268 -10.67 -13.09 1.03
C PRO D 268 -11.30 -13.65 2.28
N LYS D 269 -12.20 -12.89 2.85
CA LYS D 269 -12.92 -13.27 4.05
C LYS D 269 -14.23 -13.90 3.66
N PHE D 270 -14.78 -14.68 4.54
CA PHE D 270 -16.06 -15.29 4.28
C PHE D 270 -17.14 -14.26 4.06
N ARG D 271 -17.15 -13.22 4.86
CA ARG D 271 -18.03 -12.12 4.66
C ARG D 271 -17.92 -11.57 3.27
N GLU D 272 -16.71 -11.33 2.79
CA GLU D 272 -16.51 -10.84 1.44
C GLU D 272 -17.00 -11.78 0.37
N LEU D 273 -16.86 -13.06 0.60
CA LEU D 273 -17.28 -14.10 -0.31
C LEU D 273 -18.78 -14.15 -0.45
N ILE D 274 -19.50 -14.05 0.64
CA ILE D 274 -20.93 -14.04 0.62
C ILE D 274 -21.39 -12.89 -0.24
N ILE D 275 -20.87 -11.72 0.01
CA ILE D 275 -21.24 -10.57 -0.77
C ILE D 275 -20.98 -10.73 -2.23
N GLU D 276 -19.80 -11.15 -2.57
CA GLU D 276 -19.42 -11.32 -3.93
C GLU D 276 -20.19 -12.41 -4.65
N PHE D 277 -20.35 -13.54 -3.99
CA PHE D 277 -21.10 -14.60 -4.59
C PHE D 277 -22.56 -14.25 -4.66
N SER D 278 -23.08 -13.50 -3.70
CA SER D 278 -24.44 -13.09 -3.79
C SER D 278 -24.60 -12.20 -4.96
N LYS D 279 -23.68 -11.28 -5.17
CA LYS D 279 -23.71 -10.37 -6.30
C LYS D 279 -23.75 -11.13 -7.61
N MET D 280 -22.95 -12.16 -7.75
CA MET D 280 -22.91 -12.96 -8.94
C MET D 280 -24.16 -13.77 -9.13
N ALA D 281 -24.80 -14.13 -8.03
CA ALA D 281 -26.03 -14.86 -8.03
C ALA D 281 -27.16 -14.04 -8.62
N ARG D 282 -27.12 -12.72 -8.53
CA ARG D 282 -28.09 -11.88 -9.14
C ARG D 282 -28.08 -11.90 -10.65
N ASP D 283 -26.99 -12.25 -11.31
CA ASP D 283 -26.95 -12.33 -12.76
C ASP D 283 -26.14 -13.53 -13.18
N PRO D 284 -26.57 -14.70 -12.73
CA PRO D 284 -25.93 -15.98 -12.91
C PRO D 284 -25.25 -16.28 -14.23
N GLN D 285 -25.92 -15.95 -15.33
CA GLN D 285 -25.44 -16.25 -16.67
C GLN D 285 -24.28 -15.44 -17.13
N ARG D 286 -24.06 -14.33 -16.49
CA ARG D 286 -22.95 -13.50 -16.80
C ARG D 286 -21.72 -14.07 -16.18
N TYR D 287 -21.85 -14.83 -15.11
CA TYR D 287 -20.72 -15.39 -14.43
C TYR D 287 -20.43 -16.86 -14.65
N LEU D 288 -21.39 -17.58 -15.16
CA LEU D 288 -21.17 -18.96 -15.47
C LEU D 288 -21.74 -19.30 -16.82
N VAL D 289 -20.96 -20.01 -17.59
CA VAL D 289 -21.34 -20.42 -18.91
C VAL D 289 -21.69 -21.88 -18.93
N ILE D 290 -22.97 -22.14 -18.95
CA ILE D 290 -23.48 -23.45 -18.95
C ILE D 290 -24.39 -23.71 -20.10
N GLN D 291 -24.16 -24.81 -20.75
CA GLN D 291 -24.94 -25.17 -21.88
C GLN D 291 -26.28 -25.66 -21.48
N GLY D 292 -27.28 -24.92 -21.88
CA GLY D 292 -28.62 -25.31 -21.55
C GLY D 292 -29.14 -24.57 -20.39
N ASP D 293 -28.37 -23.63 -19.85
CA ASP D 293 -28.73 -22.84 -18.67
C ASP D 293 -30.13 -22.24 -18.66
N GLU D 294 -30.61 -21.79 -19.79
CA GLU D 294 -31.91 -21.26 -19.86
C GLU D 294 -33.02 -22.27 -19.60
N ARG D 295 -32.80 -23.57 -19.80
CA ARG D 295 -33.80 -24.58 -19.53
C ARG D 295 -33.72 -25.11 -18.11
N MET D 296 -32.87 -24.53 -17.28
CA MET D 296 -32.79 -24.96 -15.91
C MET D 296 -32.79 -23.78 -15.01
N HIS D 297 -33.86 -23.58 -14.27
CA HIS D 297 -33.90 -22.44 -13.38
C HIS D 297 -34.18 -22.92 -12.01
N LEU D 298 -34.13 -21.95 -11.12
CA LEU D 298 -34.45 -22.11 -9.73
C LEU D 298 -35.92 -22.34 -9.66
N PRO D 299 -36.32 -23.04 -8.65
CA PRO D 299 -37.72 -23.36 -8.57
C PRO D 299 -38.52 -22.15 -8.31
N SER D 300 -39.75 -22.24 -8.74
CA SER D 300 -40.68 -21.19 -8.51
C SER D 300 -41.10 -21.14 -7.08
N PRO D 301 -41.76 -20.07 -6.68
CA PRO D 301 -42.20 -19.96 -5.30
C PRO D 301 -43.13 -21.10 -4.89
N THR D 302 -43.97 -21.59 -5.77
CA THR D 302 -44.78 -22.73 -5.52
C THR D 302 -43.89 -23.88 -5.10
N ASP D 303 -42.89 -24.19 -5.88
CA ASP D 303 -42.05 -25.31 -5.57
C ASP D 303 -41.19 -25.14 -4.36
N SER D 304 -40.74 -23.94 -4.08
CA SER D 304 -39.97 -23.73 -2.90
C SER D 304 -40.81 -24.02 -1.69
N ASN D 305 -41.97 -23.45 -1.65
CA ASN D 305 -42.87 -23.69 -0.58
C ASN D 305 -43.21 -25.13 -0.34
N PHE D 306 -43.41 -25.93 -1.36
CA PHE D 306 -43.68 -27.33 -1.17
C PHE D 306 -42.52 -28.02 -0.48
N TYR D 307 -41.32 -27.75 -0.92
CA TYR D 307 -40.14 -28.31 -0.34
C TYR D 307 -40.01 -27.93 1.13
N ARG D 308 -40.15 -26.65 1.40
CA ARG D 308 -40.07 -26.15 2.74
C ARG D 308 -41.13 -26.69 3.67
N ALA D 309 -42.36 -26.80 3.24
CA ALA D 309 -43.37 -27.34 4.09
C ALA D 309 -43.18 -28.80 4.36
N LEU D 310 -42.65 -29.52 3.42
CA LEU D 310 -42.45 -30.92 3.56
C LEU D 310 -41.22 -31.28 4.32
N MET D 311 -40.08 -30.76 3.92
CA MET D 311 -38.89 -31.16 4.56
C MET D 311 -37.90 -30.12 5.02
N ASP D 312 -38.24 -28.84 4.94
CA ASP D 312 -37.29 -27.75 5.30
C ASP D 312 -38.04 -26.58 5.90
N GLU D 313 -38.46 -26.72 7.13
CA GLU D 313 -39.30 -25.66 7.73
C GLU D 313 -38.40 -24.61 8.37
N GLU D 314 -37.09 -24.86 8.37
CA GLU D 314 -36.14 -23.94 9.03
C GLU D 314 -36.13 -22.57 8.33
N ASP D 315 -36.01 -21.51 9.12
CA ASP D 315 -36.07 -20.16 8.61
C ASP D 315 -35.41 -19.84 7.30
N MET D 316 -34.09 -19.74 7.29
CA MET D 316 -33.25 -19.47 6.12
C MET D 316 -33.34 -18.15 5.32
N ASP D 317 -32.20 -17.63 4.93
CA ASP D 317 -32.18 -16.45 4.11
C ASP D 317 -32.65 -16.83 2.75
N ASP D 318 -33.52 -16.07 2.13
CA ASP D 318 -33.95 -16.47 0.81
C ASP D 318 -32.83 -16.53 -0.22
N VAL D 319 -33.02 -17.36 -1.21
CA VAL D 319 -32.00 -17.48 -2.19
C VAL D 319 -31.89 -16.23 -3.08
N VAL D 320 -30.75 -16.07 -3.70
CA VAL D 320 -30.53 -14.94 -4.54
C VAL D 320 -31.08 -15.22 -5.95
N ASP D 321 -31.95 -14.38 -6.45
CA ASP D 321 -32.53 -14.57 -7.76
C ASP D 321 -31.78 -13.70 -8.75
PG ANP E . -13.13 -5.22 18.19
O1G ANP E . -12.26 -6.31 18.72
O2G ANP E . -14.19 -4.82 19.32
O3G ANP E . -12.22 -3.95 17.86
PB ANP E . -15.54 -5.72 16.63
O1B ANP E . -16.18 -4.48 17.18
O2B ANP E . -16.02 -5.80 15.15
N3B ANP E . -13.86 -5.70 16.72
PA ANP E . -17.17 -7.04 18.58
O1A ANP E . -16.92 -8.23 19.45
O2A ANP E . -17.05 -5.75 19.42
O3A ANP E . -16.05 -7.00 17.40
O5' ANP E . -18.63 -7.14 17.90
C5' ANP E . -18.88 -7.76 16.60
C4' ANP E . -19.97 -6.99 15.86
O4' ANP E . -21.19 -7.08 16.61
C3' ANP E . -19.75 -5.50 15.66
O3' ANP E . -18.93 -5.15 14.55
C2' ANP E . -21.18 -4.97 15.49
O2' ANP E . -21.66 -4.90 14.14
C1' ANP E . -22.00 -5.95 16.34
N9 ANP E . -22.41 -5.35 17.60
C8 ANP E . -21.60 -5.08 18.69
N7 ANP E . -22.24 -4.51 19.67
C5 ANP E . -23.56 -4.39 19.23
C6 ANP E . -24.73 -3.89 19.79
N6 ANP E . -24.76 -3.35 21.02
N1 ANP E . -25.86 -3.92 19.05
C2 ANP E . -25.80 -4.44 17.82
N3 ANP E . -24.76 -4.94 17.17
C4 ANP E . -23.65 -4.91 17.92
MG MG F . -16.63 -3.80 19.16
C10 9LL G . -19.26 -4.56 25.89
C15 9LL G . -23.00 -6.66 23.88
C20 9LL G . -16.26 -5.67 29.14
C21 9LL G . -15.46 -6.69 29.72
C22 9LL G . -15.26 -6.72 31.13
C24 9LL G . -16.64 -4.69 31.35
C26 9LL G . -17.64 -3.74 29.05
C02 9LL G . -17.73 -1.17 26.96
C03 9LL G . -18.21 0.15 27.15
C04 9LL G . -19.57 0.42 27.04
C05 9LL G . -20.53 -0.63 26.72
C07 9LL G . -19.94 -1.95 26.52
C08 9LL G . -18.59 -2.24 26.64
C09 9LL G . -18.04 -3.67 26.41
C12 9LL G . -20.76 -5.40 24.11
C14 9LL G . -22.30 -6.37 22.71
C19 9LL G . -16.66 -5.39 27.66
C23 9LL G . -15.85 -5.71 31.94
C25 9LL G . -16.84 -4.67 29.96
F06 9LL G . -21.81 -0.39 26.60
N11 9LL G . -19.61 -4.65 24.50
N13 9LL G . -21.09 -5.68 22.82
N18 9LL G . -17.48 -4.22 27.63
O01 9LL G . -16.35 -1.49 27.06
O17 9LL G . -19.92 -5.17 26.71
O27 9LL G . -16.39 -5.95 26.63
S16 9LL G . -22.07 -6.03 25.22
PG ANP H . 17.14 22.89 -8.10
O1G ANP H . 16.58 22.57 -9.46
O2G ANP H . 18.40 23.85 -8.19
O3G ANP H . 16.07 23.67 -7.20
PB ANP H . 19.08 20.94 -7.29
O1B ANP H . 20.00 22.09 -6.99
O2B ANP H . 19.19 19.93 -6.11
N3B ANP H . 17.47 21.41 -7.35
PA ANP H . 20.53 20.84 -9.73
O1A ANP H . 20.23 20.26 -11.07
O2A ANP H . 20.43 22.36 -9.67
O3A ANP H . 19.51 20.22 -8.61
O5' ANP H . 21.95 20.28 -9.32
C5' ANP H . 21.95 18.94 -8.83
C4' ANP H . 23.32 18.51 -8.41
O4' ANP H . 24.32 19.31 -9.10
C3' ANP H . 23.62 18.66 -6.92
O3' ANP H . 24.45 17.60 -6.49
C2' ANP H . 24.39 19.98 -6.87
O2' ANP H . 25.16 19.95 -5.67
C1' ANP H . 25.21 19.84 -8.15
N9 ANP H . 25.79 21.08 -8.70
C8 ANP H . 25.15 22.15 -9.21
N7 ANP H . 25.98 23.10 -9.65
C5 ANP H . 27.20 22.57 -9.40
C6 ANP H . 28.53 23.07 -9.63
N6 ANP H . 28.78 24.26 -10.18
N1 ANP H . 29.58 22.29 -9.27
C2 ANP H . 29.33 21.10 -8.71
N3 ANP H . 28.15 20.52 -8.45
C4 ANP H . 27.16 21.30 -8.81
MG MG I . 20.24 24.06 -8.11
PG ANP J . 10.19 -6.92 -26.09
O1G ANP J . 9.18 -7.02 -27.17
O2G ANP J . 11.47 -6.12 -26.60
O3G ANP J . 9.58 -6.18 -24.84
PB ANP J . 12.28 -8.70 -25.53
O1B ANP J . 12.96 -7.47 -25.03
O2B ANP J . 12.69 -9.91 -24.63
N3B ANP J . 10.61 -8.46 -25.50
PA ANP J . 13.79 -8.29 -27.91
O1A ANP J . 13.51 -8.55 -29.35
O2A ANP J . 13.89 -6.81 -27.55
O3A ANP J . 12.61 -8.99 -27.04
O5' ANP J . 15.03 -9.16 -27.49
C5' ANP J . 14.98 -10.55 -27.81
C4' ANP J . 16.10 -11.21 -27.06
O4' ANP J . 17.35 -10.62 -27.49
C3' ANP J . 16.03 -11.04 -25.53
O3' ANP J . 16.37 -12.24 -24.86
C2' ANP J . 17.07 -9.95 -25.25
O2' ANP J . 17.68 -10.20 -24.00
C1' ANP J . 18.09 -10.20 -26.36
N9 ANP J . 18.88 -9.01 -26.74
C8 ANP J . 18.39 -7.82 -27.21
N7 ANP J . 19.33 -6.97 -27.48
C5 ANP J . 20.51 -7.60 -27.17
C6 ANP J . 21.86 -7.23 -27.23
N6 ANP J . 22.26 -6.02 -27.65
N1 ANP J . 22.79 -8.12 -26.84
C2 ANP J . 22.38 -9.33 -26.42
N3 ANP J . 21.14 -9.80 -26.31
C4 ANP J . 20.24 -8.90 -26.69
MG MG K . 13.85 -5.79 -25.91
C13 YY3 L . -21.50 -42.22 -1.08
N2 YY3 L . -22.80 -42.15 -1.66
C12 YY3 L . -22.72 -42.82 -2.92
C11 YY3 L . -23.76 -42.85 -0.78
C10 YY3 L . -25.21 -42.43 -0.92
N1 YY3 L . -25.50 -41.06 -0.69
C28 YY3 L . -25.37 -40.16 -1.85
C3 YY3 L . -27.21 -40.56 0.95
C4 YY3 L . -27.65 -40.01 2.09
O1 YY3 L . -28.93 -40.15 2.39
C14 YY3 L . -29.55 -41.21 1.94
C2 YY3 L . -25.89 -40.48 0.52
C1 YY3 L . -25.05 -39.73 1.30
N YY3 L . -23.70 -39.66 0.93
C7 YY3 L . -22.64 -38.97 1.50
O YY3 L . -22.80 -38.16 2.28
C8 YY3 L . -21.35 -39.12 1.07
C9 YY3 L . -21.05 -37.97 0.32
C6 YY3 L . -25.55 -39.19 2.47
C5 YY3 L . -26.84 -39.27 2.92
N3 YY3 L . -27.26 -38.67 4.10
C15 YY3 L . -26.51 -38.30 5.11
N5 YY3 L . -25.24 -38.54 5.09
N4 YY3 L . -27.11 -37.68 6.09
C16 YY3 L . -26.40 -37.31 7.10
C17 YY3 L . -25.03 -37.54 7.16
C18 YY3 L . -24.52 -38.15 6.05
C19 YY3 L . -23.18 -38.46 6.01
C26 YY3 L . -22.46 -39.41 5.22
C25 YY3 L . -22.80 -40.25 4.25
C24 YY3 L . -21.89 -41.04 3.67
C23 YY3 L . -20.59 -40.95 4.06
C22 YY3 L . -20.22 -40.10 5.02
C21 YY3 L . -21.18 -39.35 5.58
N6 YY3 L . -21.11 -38.48 6.50
C27 YY3 L . -19.93 -38.16 7.12
C20 YY3 L . -22.23 -37.95 6.78
C10 9LL M . -20.70 -36.21 12.94
C15 9LL M . -24.00 -39.23 11.18
C20 9LL M . -17.56 -36.20 16.35
C21 9LL M . -16.63 -36.93 17.15
C22 9LL M . -16.45 -36.62 18.53
C24 9LL M . -18.13 -34.84 18.31
C26 9LL M . -19.21 -34.56 15.85
C02 9LL M . -19.56 -32.48 13.20
C03 9LL M . -20.17 -31.23 13.13
C04 9LL M . -21.56 -31.13 13.05
C05 9LL M . -22.39 -32.30 13.02
C07 9LL M . -21.69 -33.58 13.09
C08 9LL M . -20.31 -33.70 13.20
C09 9LL M . -19.60 -35.10 13.27
C12 9LL M . -22.04 -37.57 11.31
C14 9LL M . -23.32 -38.94 10.00
C19 9LL M . -17.96 -36.31 14.88
C23 9LL M . -17.19 -35.58 19.10
C25 9LL M . -18.31 -35.14 16.94
F06 9LL M . -23.70 -32.19 12.93
N11 9LL M . -21.01 -36.60 11.60
N13 9LL M . -22.28 -38.05 10.05
N18 9LL M . -18.97 -35.32 14.59
O01 9LL M . -18.16 -32.58 13.30
O17 9LL M . -21.27 -36.73 13.87
O27 9LL M . -17.57 -37.07 14.02
S16 9LL M . -23.24 -38.29 12.43
#